data_4RDY
#
_entry.id   4RDY
#
_cell.length_a   174.740
_cell.length_b   174.740
_cell.length_c   61.550
_cell.angle_alpha   90.00
_cell.angle_beta   90.00
_cell.angle_gamma   120.00
#
_symmetry.space_group_name_H-M   'P 64'
#
loop_
_entity.id
_entity.type
_entity.pdbx_description
1 polymer 'Parathion hydrolase'
2 non-polymer 'COBALT (II) ION'
3 non-polymer 3-oxo-N-[(3S)-2-oxotetrahydrofuran-3-yl]decanamide
4 non-polymer GLYCEROL
5 non-polymer 'SULFATE ION'
6 water water
#
_entity_poly.entity_id   1
_entity_poly.type   'polypeptide(L)'
_entity_poly.pdbx_seq_one_letter_code
;GMVRISIAGGNEIDPGSMGLTLFHEHLRLITEVVRWNWPHLYNEDEELKRAIDAVNAAKKYGVKTIIDLTVAGIGCDVRF
NEKVAKATGVNIIMGTGFYTYTEIPFYFKNRGIDSLVDAFVHDITIGIQGTNTRAAFV(KCX)AVIDSSGLTKDVEMAIR
AAAKAHIKTDVPIITHSFVGNKSSLDLIRIFKEEGVDLARTVIGHVGDTDDISFIEQILREGAFIGLDRFGLDIYLPLDK
RVKTAIELIKRGWIDQLLLSHDYCPTIDWYPPEVVRSTVPDWTMTLIFEKVIPRMRSEGITEEQINRVLIDNPRRLFTGR
;
_entity_poly.pdbx_strand_id   A,B
#
loop_
_chem_comp.id
_chem_comp.type
_chem_comp.name
_chem_comp.formula
3M5 non-polymer 3-oxo-N-[(3S)-2-oxotetrahydrofuran-3-yl]decanamide 'C14 H23 N O4'
CO non-polymer 'COBALT (II) ION' 'Co 2'
GOL non-polymer GLYCEROL 'C3 H8 O3'
SO4 non-polymer 'SULFATE ION' 'O4 S -2'
#
# COMPACT_ATOMS: atom_id res chain seq x y z
N VAL A 3 18.29 16.83 24.73
CA VAL A 3 17.49 16.07 23.78
C VAL A 3 18.11 14.72 23.67
N ARG A 4 17.29 13.71 23.58
CA ARG A 4 17.81 12.37 23.35
C ARG A 4 17.23 11.85 22.05
N ILE A 5 18.08 11.22 21.25
CA ILE A 5 17.72 10.79 19.93
C ILE A 5 17.95 9.35 19.90
N SER A 6 16.85 8.63 19.69
CA SER A 6 16.89 7.22 19.47
C SER A 6 17.52 6.94 18.15
N ILE A 7 18.32 5.92 18.09
CA ILE A 7 18.91 5.45 16.91
C ILE A 7 18.52 3.96 16.76
N ALA A 8 18.58 3.44 15.55
CA ALA A 8 18.18 2.05 15.30
C ALA A 8 18.96 1.09 16.23
N GLY A 9 18.20 0.26 16.96
CA GLY A 9 18.77 -0.55 18.07
C GLY A 9 18.18 -0.09 19.41
N GLY A 10 17.49 1.04 19.45
CA GLY A 10 17.06 1.52 20.72
C GLY A 10 18.12 2.18 21.61
N ASN A 11 19.43 2.14 21.30
CA ASN A 11 20.31 3.13 21.99
C ASN A 11 19.79 4.54 21.76
N GLU A 12 20.33 5.49 22.52
CA GLU A 12 19.98 6.89 22.35
C GLU A 12 21.29 7.71 22.34
N ILE A 13 21.35 8.83 21.60
CA ILE A 13 22.57 9.66 21.54
C ILE A 13 22.06 11.02 21.80
N ASP A 14 22.95 11.94 22.12
CA ASP A 14 22.54 13.31 22.24
C ASP A 14 23.01 13.95 20.87
N PRO A 15 22.41 15.07 20.53
CA PRO A 15 22.68 15.78 19.25
C PRO A 15 24.15 16.13 19.02
N GLY A 16 24.84 16.47 20.09
CA GLY A 16 26.27 16.70 20.11
C GLY A 16 27.08 15.55 19.66
N SER A 17 26.58 14.32 19.79
CA SER A 17 27.40 13.20 19.36
CA SER A 17 27.38 13.17 19.36
C SER A 17 27.06 12.74 17.94
N MET A 18 26.17 13.46 17.27
CA MET A 18 25.87 13.09 15.86
C MET A 18 27.06 13.15 14.97
N GLY A 19 27.94 14.16 15.17
CA GLY A 19 29.09 14.35 14.30
C GLY A 19 28.68 14.63 12.86
N LEU A 20 29.57 14.25 11.94
CA LEU A 20 29.34 14.39 10.49
C LEU A 20 28.13 13.51 10.09
N THR A 21 27.10 14.20 9.61
CA THR A 21 25.78 13.62 9.43
C THR A 21 25.35 13.79 7.95
N LEU A 22 24.85 12.70 7.36
CA LEU A 22 24.02 12.78 6.14
C LEU A 22 22.52 12.77 6.50
N PHE A 23 21.87 13.95 6.36
CA PHE A 23 20.57 14.18 6.87
C PHE A 23 19.41 13.54 6.01
N HIS A 24 19.68 13.14 4.76
CA HIS A 24 18.61 12.52 3.93
C HIS A 24 19.18 11.45 3.01
N GLU A 25 19.12 10.22 3.51
CA GLU A 25 19.53 9.05 2.76
C GLU A 25 18.47 7.95 2.98
N HIS A 26 18.69 6.81 2.35
CA HIS A 26 17.85 5.63 2.56
C HIS A 26 18.75 4.41 2.68
N LEU A 27 18.28 3.36 3.36
CA LEU A 27 18.96 2.08 3.42
C LEU A 27 18.29 1.04 2.49
N ARG A 28 16.95 1.10 2.45
CA ARG A 28 16.19 0.29 1.53
C ARG A 28 14.86 0.96 1.25
N LEU A 29 14.57 1.18 -0.03
CA LEU A 29 13.31 1.88 -0.36
C LEU A 29 12.51 0.83 -1.17
N ILE A 30 11.47 0.33 -0.54
CA ILE A 30 10.63 -0.70 -1.16
C ILE A 30 9.15 -0.40 -0.85
N THR A 31 8.27 -1.08 -1.59
CA THR A 31 6.84 -0.80 -1.61
C THR A 31 6.16 -1.91 -0.86
N GLU A 32 5.65 -1.58 0.31
CA GLU A 32 5.14 -2.57 1.25
C GLU A 32 4.15 -3.55 0.56
N VAL A 33 3.19 -3.00 -0.19
CA VAL A 33 2.17 -3.87 -0.74
C VAL A 33 2.78 -4.88 -1.75
N VAL A 34 3.82 -4.48 -2.46
CA VAL A 34 4.47 -5.39 -3.38
C VAL A 34 5.31 -6.40 -2.65
N ARG A 35 6.14 -5.95 -1.69
CA ARG A 35 6.97 -6.89 -0.94
C ARG A 35 6.14 -7.95 -0.18
N TRP A 36 5.04 -7.52 0.42
CA TRP A 36 4.17 -8.39 1.19
C TRP A 36 3.57 -9.45 0.30
N ASN A 37 3.09 -9.06 -0.86
CA ASN A 37 2.40 -10.00 -1.82
C ASN A 37 3.27 -10.81 -2.78
N TRP A 38 4.44 -10.26 -3.17
CA TRP A 38 5.32 -10.97 -4.14
C TRP A 38 6.76 -10.95 -3.62
N PRO A 39 7.02 -11.64 -2.53
CA PRO A 39 8.39 -11.78 -2.05
C PRO A 39 9.38 -12.38 -3.04
N HIS A 40 8.91 -13.13 -4.03
CA HIS A 40 9.83 -13.70 -5.06
C HIS A 40 10.52 -12.62 -5.86
N LEU A 41 9.98 -11.38 -5.86
CA LEU A 41 10.61 -10.28 -6.62
C LEU A 41 11.81 -9.61 -5.88
N TYR A 42 12.14 -10.09 -4.71
CA TYR A 42 13.09 -9.47 -3.81
C TYR A 42 14.11 -10.49 -3.29
N ASN A 43 15.22 -9.98 -2.74
CA ASN A 43 16.26 -10.77 -2.09
C ASN A 43 16.82 -10.02 -0.97
N GLU A 44 16.46 -10.45 0.20
CA GLU A 44 16.77 -9.72 1.33
C GLU A 44 18.28 -9.67 1.65
N ASP A 45 19.02 -10.71 1.30
CA ASP A 45 20.49 -10.78 1.58
C ASP A 45 21.20 -9.77 0.72
N GLU A 46 20.77 -9.66 -0.51
CA GLU A 46 21.35 -8.71 -1.38
C GLU A 46 21.03 -7.22 -0.96
N GLU A 47 19.81 -6.97 -0.49
CA GLU A 47 19.40 -5.68 -0.03
C GLU A 47 20.29 -5.27 1.13
N LEU A 48 20.47 -6.17 2.08
CA LEU A 48 21.27 -5.93 3.25
C LEU A 48 22.71 -5.62 2.90
N LYS A 49 23.27 -6.44 2.01
CA LYS A 49 24.60 -6.25 1.56
C LYS A 49 24.77 -4.87 0.92
N ARG A 50 23.83 -4.44 0.09
CA ARG A 50 23.98 -3.14 -0.60
C ARG A 50 23.90 -2.00 0.36
N ALA A 51 23.05 -2.15 1.38
CA ALA A 51 22.85 -1.12 2.35
C ALA A 51 24.14 -0.97 3.18
N ILE A 52 24.65 -2.10 3.64
CA ILE A 52 25.91 -2.15 4.42
C ILE A 52 27.05 -1.57 3.61
N ASP A 53 27.19 -1.92 2.33
CA ASP A 53 28.25 -1.39 1.55
C ASP A 53 28.17 0.09 1.36
N ALA A 54 26.96 0.61 1.12
CA ALA A 54 26.78 2.04 1.01
C ALA A 54 27.13 2.76 2.29
N VAL A 55 26.66 2.29 3.43
CA VAL A 55 26.90 3.01 4.68
C VAL A 55 28.42 2.94 5.06
N ASN A 56 29.05 1.80 4.79
CA ASN A 56 30.49 1.63 5.04
C ASN A 56 31.29 2.57 4.09
N ALA A 57 30.87 2.78 2.85
CA ALA A 57 31.51 3.75 2.03
C ALA A 57 31.44 5.16 2.66
N ALA A 58 30.27 5.56 3.16
CA ALA A 58 30.10 6.84 3.76
C ALA A 58 31.01 6.93 4.99
N LYS A 59 31.05 5.84 5.76
CA LYS A 59 31.81 5.78 6.97
C LYS A 59 33.31 6.08 6.70
N LYS A 60 33.84 5.54 5.60
CA LYS A 60 35.23 5.81 5.12
C LYS A 60 35.56 7.29 5.02
N TYR A 61 34.56 8.12 4.74
CA TYR A 61 34.70 9.56 4.64
C TYR A 61 34.42 10.27 5.88
N GLY A 62 34.18 9.57 6.95
CA GLY A 62 34.01 10.15 8.24
C GLY A 62 32.57 10.35 8.65
N VAL A 63 31.63 9.81 7.91
CA VAL A 63 30.22 9.95 8.33
C VAL A 63 29.99 9.19 9.62
N LYS A 64 29.38 9.84 10.60
CA LYS A 64 29.09 9.19 11.84
C LYS A 64 27.62 8.79 12.00
N THR A 65 26.76 9.59 11.35
CA THR A 65 25.30 9.50 11.54
C THR A 65 24.60 9.66 10.18
N ILE A 66 23.60 8.77 9.91
CA ILE A 66 22.78 8.82 8.71
C ILE A 66 21.35 8.86 9.13
N ILE A 67 20.64 9.86 8.65
CA ILE A 67 19.21 9.95 8.94
C ILE A 67 18.44 9.22 7.80
N ASP A 68 17.72 8.16 8.13
CA ASP A 68 17.03 7.35 7.12
C ASP A 68 15.65 7.97 6.91
N LEU A 69 15.42 8.51 5.73
CA LEU A 69 14.15 9.20 5.42
C LEU A 69 13.04 8.25 4.94
N THR A 70 13.31 6.96 5.04
CA THR A 70 12.33 5.91 4.75
C THR A 70 11.27 5.85 5.85
N VAL A 71 10.01 6.13 5.44
CA VAL A 71 8.88 6.07 6.32
C VAL A 71 7.77 5.15 5.70
N ALA A 72 6.62 5.11 6.37
CA ALA A 72 5.45 4.34 5.85
C ALA A 72 5.17 4.77 4.43
N GLY A 73 5.09 3.79 3.55
CA GLY A 73 4.81 4.03 2.12
C GLY A 73 5.96 3.73 1.24
N ILE A 74 7.15 3.79 1.84
CA ILE A 74 8.37 3.52 1.09
C ILE A 74 9.21 2.55 1.85
N GLY A 75 8.56 1.75 2.68
CA GLY A 75 9.17 0.49 3.15
C GLY A 75 9.96 0.40 4.44
N CYS A 76 9.77 1.38 5.30
CA CYS A 76 10.48 1.44 6.58
C CYS A 76 10.44 0.13 7.36
N ASP A 77 11.62 -0.30 7.85
CA ASP A 77 11.74 -1.52 8.65
C ASP A 77 12.91 -1.36 9.65
N VAL A 78 12.55 -1.22 10.91
CA VAL A 78 13.47 -1.09 12.01
C VAL A 78 14.44 -2.26 12.12
N ARG A 79 13.92 -3.46 11.95
CA ARG A 79 14.76 -4.64 12.06
C ARG A 79 15.83 -4.71 10.98
N PHE A 80 15.47 -4.38 9.73
CA PHE A 80 16.43 -4.27 8.68
C PHE A 80 17.49 -3.24 9.07
N ASN A 81 17.06 -2.05 9.52
CA ASN A 81 18.03 -1.00 9.85
C ASN A 81 18.93 -1.41 11.00
N GLU A 82 18.37 -2.13 11.96
CA GLU A 82 19.21 -2.58 13.09
C GLU A 82 20.36 -3.49 12.58
N LYS A 83 20.09 -4.34 11.60
CA LYS A 83 21.15 -5.14 11.05
C LYS A 83 22.24 -4.28 10.40
N VAL A 84 21.83 -3.23 9.66
CA VAL A 84 22.79 -2.34 9.01
C VAL A 84 23.63 -1.59 10.08
N ALA A 85 22.97 -1.10 11.11
CA ALA A 85 23.61 -0.35 12.16
C ALA A 85 24.67 -1.20 12.87
N LYS A 86 24.29 -2.43 13.17
CA LYS A 86 25.16 -3.36 13.86
C LYS A 86 26.33 -3.77 12.97
N ALA A 87 26.13 -4.01 11.67
CA ALA A 87 27.25 -4.34 10.87
C ALA A 87 28.23 -3.18 10.64
N THR A 88 27.79 -1.92 10.75
CA THR A 88 28.60 -0.79 10.27
C THR A 88 29.16 0.11 11.37
N GLY A 89 28.51 0.15 12.51
CA GLY A 89 28.83 1.08 13.61
C GLY A 89 28.31 2.51 13.41
N VAL A 90 27.52 2.78 12.36
CA VAL A 90 27.03 4.11 12.09
C VAL A 90 25.69 4.29 12.76
N ASN A 91 25.49 5.46 13.38
CA ASN A 91 24.24 5.79 13.97
C ASN A 91 23.16 5.93 12.86
N ILE A 92 22.02 5.26 13.03
CA ILE A 92 20.90 5.44 12.04
C ILE A 92 19.74 6.01 12.76
N ILE A 93 19.36 7.23 12.39
CA ILE A 93 18.23 7.87 13.00
C ILE A 93 16.96 7.62 12.07
N MET A 94 15.82 7.30 12.67
CA MET A 94 14.57 6.96 11.93
C MET A 94 13.52 7.95 12.31
N GLY A 95 12.44 7.99 11.53
CA GLY A 95 11.36 8.91 11.79
C GLY A 95 10.03 8.23 11.45
N THR A 96 8.99 9.03 11.39
CA THR A 96 7.68 8.57 11.08
C THR A 96 7.03 9.59 10.10
N GLY A 97 5.78 9.33 9.75
CA GLY A 97 5.08 10.02 8.72
C GLY A 97 4.45 9.10 7.73
N PHE A 98 3.80 9.68 6.71
CA PHE A 98 3.23 8.82 5.64
C PHE A 98 3.58 9.39 4.29
N TYR A 99 4.25 8.61 3.46
CA TYR A 99 4.77 9.06 2.18
C TYR A 99 3.71 8.74 1.13
N THR A 100 3.11 9.77 0.54
CA THR A 100 2.20 9.64 -0.57
C THR A 100 2.26 10.91 -1.34
N TYR A 101 2.05 10.82 -2.65
CA TYR A 101 1.83 11.98 -3.52
C TYR A 101 0.38 12.34 -3.80
N THR A 102 -0.55 11.45 -3.42
CA THR A 102 -1.96 11.60 -3.82
C THR A 102 -2.94 11.17 -2.77
N GLU A 103 -2.93 9.91 -2.40
CA GLU A 103 -3.92 9.34 -1.45
C GLU A 103 -3.34 8.78 -0.20
N ILE A 104 -4.18 8.75 0.81
CA ILE A 104 -3.86 8.06 2.02
C ILE A 104 -4.79 6.87 2.22
N PRO A 105 -4.36 5.94 3.00
CA PRO A 105 -5.28 4.77 3.20
C PRO A 105 -6.66 5.10 3.78
N PHE A 106 -7.66 4.35 3.31
CA PHE A 106 -8.96 4.36 3.95
C PHE A 106 -8.94 4.25 5.45
N TYR A 107 -8.09 3.39 5.99
CA TYR A 107 -7.93 3.25 7.42
C TYR A 107 -7.94 4.63 8.10
N PHE A 108 -7.10 5.54 7.57
CA PHE A 108 -6.99 6.90 8.17
C PHE A 108 -8.07 7.90 7.69
N LYS A 109 -8.41 7.83 6.45
CA LYS A 109 -9.41 8.76 5.91
C LYS A 109 -10.73 8.59 6.64
N ASN A 110 -11.11 7.35 6.94
CA ASN A 110 -12.43 7.09 7.59
C ASN A 110 -12.35 7.40 9.05
N ARG A 111 -11.17 7.36 9.68
CA ARG A 111 -11.06 7.68 11.11
C ARG A 111 -10.83 9.20 11.31
N GLY A 112 -10.24 9.90 10.37
CA GLY A 112 -9.91 11.28 10.58
C GLY A 112 -8.46 11.53 10.98
N ILE A 113 -8.13 12.82 10.91
CA ILE A 113 -6.77 13.28 11.07
C ILE A 113 -6.14 12.86 12.36
N ASP A 114 -6.87 12.86 13.47
CA ASP A 114 -6.30 12.46 14.73
C ASP A 114 -5.78 11.05 14.75
N SER A 115 -6.32 10.18 13.91
CA SER A 115 -5.84 8.79 13.98
C SER A 115 -4.42 8.71 13.38
N LEU A 116 -4.18 9.51 12.36
CA LEU A 116 -2.82 9.55 11.77
C LEU A 116 -1.79 10.27 12.71
N VAL A 117 -2.18 11.39 13.27
CA VAL A 117 -1.40 12.05 14.31
C VAL A 117 -1.07 11.08 15.39
N ASP A 118 -2.05 10.31 15.88
CA ASP A 118 -1.79 9.44 17.03
C ASP A 118 -0.82 8.33 16.65
N ALA A 119 -0.93 7.87 15.40
CA ALA A 119 0.00 6.87 14.96
C ALA A 119 1.45 7.42 14.93
N PHE A 120 1.61 8.61 14.37
CA PHE A 120 2.95 9.21 14.40
C PHE A 120 3.50 9.39 15.84
N VAL A 121 2.65 9.92 16.70
CA VAL A 121 2.96 10.17 18.12
C VAL A 121 3.35 8.90 18.87
N HIS A 122 2.68 7.81 18.54
CA HIS A 122 3.05 6.51 19.02
C HIS A 122 4.48 6.17 18.63
N ASP A 123 4.82 6.42 17.36
CA ASP A 123 6.13 6.08 16.93
C ASP A 123 7.21 6.94 17.65
N ILE A 124 6.88 8.21 17.86
CA ILE A 124 7.79 9.16 18.45
C ILE A 124 7.96 8.91 19.95
N THR A 125 6.89 8.53 20.63
CA THR A 125 6.94 8.45 22.09
C THR A 125 7.05 7.04 22.67
N ILE A 126 6.72 6.00 21.93
CA ILE A 126 6.77 4.62 22.42
C ILE A 126 7.74 3.85 21.65
N GLY A 127 7.57 3.80 20.32
CA GLY A 127 8.49 3.07 19.50
C GLY A 127 7.92 2.68 18.16
N ILE A 128 8.78 2.43 17.21
CA ILE A 128 8.41 2.00 15.84
C ILE A 128 8.31 0.48 15.76
N GLN A 129 7.18 -0.02 15.25
CA GLN A 129 7.04 -1.41 14.81
C GLN A 129 7.33 -2.38 15.92
N GLY A 130 6.84 -2.07 17.10
CA GLY A 130 6.93 -2.98 18.23
C GLY A 130 8.31 -2.94 18.88
N THR A 131 9.20 -2.03 18.47
CA THR A 131 10.55 -1.97 19.07
C THR A 131 10.65 -0.77 20.00
N ASN A 132 11.82 -0.64 20.62
CA ASN A 132 12.07 0.57 21.41
C ASN A 132 12.86 1.61 20.66
N THR A 133 13.00 1.47 19.34
CA THR A 133 13.56 2.58 18.52
C THR A 133 12.49 3.56 18.27
N ARG A 134 12.61 4.76 18.81
CA ARG A 134 11.59 5.79 18.59
C ARG A 134 11.91 6.70 17.37
N ALA A 135 10.87 7.19 16.72
CA ALA A 135 11.03 8.15 15.64
C ALA A 135 11.55 9.47 16.23
N ALA A 136 12.51 10.07 15.54
CA ALA A 136 13.19 11.27 16.00
C ALA A 136 12.83 12.47 15.17
N PHE A 137 12.08 12.23 14.10
CA PHE A 137 11.54 13.29 13.24
C PHE A 137 10.23 12.76 12.64
N VAL A 138 9.50 13.65 12.02
CA VAL A 138 8.32 13.35 11.22
C VAL A 138 8.49 13.89 9.81
N KCX A 139 8.03 13.13 8.81
CA KCX A 139 8.15 13.47 7.40
CB KCX A 139 8.66 12.31 6.58
CG KCX A 139 8.97 12.63 5.13
CD KCX A 139 9.67 11.51 4.40
CE KCX A 139 10.12 11.94 3.02
NZ KCX A 139 11.06 10.99 2.48
C KCX A 139 6.78 13.96 6.90
O KCX A 139 5.73 13.43 7.26
CX KCX A 139 11.73 11.09 1.34
OQ1 KCX A 139 11.62 12.20 0.62
OQ2 KCX A 139 12.53 10.19 1.06
N ALA A 140 6.80 14.94 6.01
CA ALA A 140 5.60 15.33 5.27
C ALA A 140 6.00 15.38 3.80
N VAL A 141 5.07 15.03 2.93
CA VAL A 141 5.38 14.81 1.50
C VAL A 141 4.36 15.51 0.63
N ILE A 142 4.86 16.14 -0.43
CA ILE A 142 4.03 16.68 -1.50
C ILE A 142 4.81 16.58 -2.77
N ASP A 143 4.12 16.30 -3.87
CA ASP A 143 4.85 16.18 -5.14
C ASP A 143 4.07 16.80 -6.35
N SER A 144 4.16 16.18 -7.52
CA SER A 144 3.67 16.82 -8.77
C SER A 144 2.16 16.83 -8.85
N SER A 145 1.46 16.06 -8.00
CA SER A 145 0.00 16.18 -7.98
C SER A 145 -0.47 17.33 -7.15
N GLY A 146 0.43 18.00 -6.41
CA GLY A 146 -0.02 19.17 -5.70
C GLY A 146 -0.69 18.82 -4.39
N LEU A 147 -1.48 19.75 -3.93
CA LEU A 147 -2.04 19.65 -2.66
C LEU A 147 -3.43 18.96 -2.78
N THR A 148 -3.48 17.63 -2.83
CA THR A 148 -4.72 16.96 -2.81
C THR A 148 -5.26 17.00 -1.41
N LYS A 149 -6.52 16.67 -1.26
CA LYS A 149 -7.07 16.59 0.07
C LYS A 149 -6.34 15.66 1.00
N ASP A 150 -6.03 14.46 0.53
CA ASP A 150 -5.32 13.50 1.40
C ASP A 150 -3.85 13.98 1.75
N VAL A 151 -3.17 14.50 0.74
CA VAL A 151 -1.81 15.05 0.95
C VAL A 151 -1.88 16.18 1.98
N GLU A 152 -2.89 17.03 1.85
CA GLU A 152 -3.05 18.08 2.86
C GLU A 152 -3.26 17.54 4.25
N MET A 153 -4.05 16.44 4.40
CA MET A 153 -4.26 15.89 5.66
C MET A 153 -2.95 15.35 6.29
N ALA A 154 -2.19 14.58 5.51
CA ALA A 154 -0.98 14.01 6.00
C ALA A 154 0.07 15.10 6.38
N ILE A 155 0.17 16.16 5.61
CA ILE A 155 1.04 17.35 5.99
C ILE A 155 0.59 17.97 7.30
N ARG A 156 -0.72 18.19 7.43
CA ARG A 156 -1.21 18.76 8.65
C ARG A 156 -1.04 17.81 9.82
N ALA A 157 -1.26 16.52 9.57
CA ALA A 157 -0.92 15.55 10.61
C ALA A 157 0.55 15.55 11.08
N ALA A 158 1.48 15.62 10.14
CA ALA A 158 2.89 15.77 10.52
C ALA A 158 3.11 17.05 11.40
N ALA A 159 2.49 18.14 11.02
CA ALA A 159 2.61 19.40 11.77
C ALA A 159 2.07 19.27 13.19
N LYS A 160 0.95 18.58 13.35
CA LYS A 160 0.32 18.41 14.62
C LYS A 160 1.16 17.50 15.49
N ALA A 161 1.76 16.47 14.92
CA ALA A 161 2.60 15.64 15.71
C ALA A 161 3.87 16.35 16.19
N HIS A 162 4.40 17.22 15.32
CA HIS A 162 5.53 18.06 15.66
C HIS A 162 5.07 18.98 16.86
N ILE A 163 3.92 19.58 16.76
CA ILE A 163 3.47 20.46 17.87
C ILE A 163 3.41 19.66 19.21
N LYS A 164 2.94 18.42 19.20
CA LYS A 164 2.89 17.65 20.44
C LYS A 164 4.21 17.19 20.92
N THR A 165 5.20 16.96 20.05
CA THR A 165 6.40 16.27 20.51
C THR A 165 7.70 17.04 20.36
N ASP A 166 7.65 18.11 19.58
CA ASP A 166 8.81 18.91 19.25
C ASP A 166 9.92 18.27 18.40
N VAL A 167 9.65 17.12 17.79
CA VAL A 167 10.61 16.53 16.81
C VAL A 167 10.63 17.39 15.57
N PRO A 168 11.77 17.47 14.88
CA PRO A 168 11.79 18.22 13.66
C PRO A 168 10.95 17.59 12.51
N ILE A 169 10.59 18.41 11.51
CA ILE A 169 9.90 17.95 10.34
C ILE A 169 10.83 18.00 9.13
N ILE A 170 11.10 16.83 8.56
CA ILE A 170 11.95 16.77 7.35
C ILE A 170 10.99 16.41 6.20
N THR A 171 10.97 17.22 5.15
CA THR A 171 10.02 17.06 4.09
C THR A 171 10.60 16.57 2.76
N HIS A 172 9.64 16.15 1.92
CA HIS A 172 9.81 15.93 0.49
C HIS A 172 8.89 16.91 -0.25
N SER A 173 9.45 17.66 -1.20
CA SER A 173 8.59 18.46 -2.05
C SER A 173 9.05 18.33 -3.50
N PHE A 174 8.34 19.01 -4.41
CA PHE A 174 8.61 18.96 -5.87
C PHE A 174 8.66 20.45 -6.27
N VAL A 175 9.79 20.93 -6.71
CA VAL A 175 9.92 22.36 -6.99
C VAL A 175 9.22 22.81 -8.25
N GLY A 176 8.97 21.90 -9.17
CA GLY A 176 8.46 22.25 -10.50
C GLY A 176 7.07 22.91 -10.42
N ASN A 177 6.26 22.60 -9.42
CA ASN A 177 4.95 23.23 -9.33
C ASN A 177 4.89 24.10 -8.09
N LYS A 178 6.04 24.37 -7.47
CA LYS A 178 6.06 25.23 -6.29
C LYS A 178 5.41 24.68 -5.08
N SER A 179 5.27 23.34 -5.02
CA SER A 179 4.57 22.65 -3.90
C SER A 179 5.31 22.86 -2.59
N SER A 180 6.61 23.13 -2.67
CA SER A 180 7.37 23.59 -1.51
C SER A 180 6.71 24.73 -0.69
N LEU A 181 6.09 25.66 -1.40
CA LEU A 181 5.40 26.75 -0.75
C LEU A 181 4.16 26.35 -0.06
N ASP A 182 3.51 25.23 -0.46
CA ASP A 182 2.31 24.77 0.29
C ASP A 182 2.69 24.22 1.65
N LEU A 183 3.87 23.57 1.70
CA LEU A 183 4.32 23.03 2.98
C LEU A 183 4.41 24.24 3.91
N ILE A 184 5.02 25.32 3.43
CA ILE A 184 5.30 26.44 4.25
C ILE A 184 4.00 27.04 4.78
N ARG A 185 3.03 27.22 3.88
CA ARG A 185 1.75 27.86 4.26
C ARG A 185 1.06 27.01 5.31
N ILE A 186 0.98 25.72 5.04
CA ILE A 186 0.36 24.83 6.01
C ILE A 186 1.04 24.81 7.36
N PHE A 187 2.36 24.68 7.37
CA PHE A 187 3.09 24.76 8.66
C PHE A 187 2.80 26.08 9.41
N LYS A 188 2.72 27.17 8.71
CA LYS A 188 2.35 28.45 9.39
C LYS A 188 0.94 28.41 9.99
N GLU A 189 -0.03 27.92 9.26
CA GLU A 189 -1.38 27.79 9.79
C GLU A 189 -1.39 26.94 11.01
N GLU A 190 -0.52 25.94 11.10
CA GLU A 190 -0.53 25.02 12.23
C GLU A 190 0.31 25.51 13.35
N GLY A 191 0.95 26.65 13.18
CA GLY A 191 1.79 27.23 14.24
C GLY A 191 3.17 26.62 14.38
N VAL A 192 3.71 26.03 13.32
CA VAL A 192 5.02 25.40 13.40
C VAL A 192 6.10 26.50 13.35
N ASP A 193 7.08 26.42 14.21
CA ASP A 193 8.29 27.20 14.02
C ASP A 193 9.10 26.61 12.82
N LEU A 194 9.24 27.40 11.79
CA LEU A 194 9.83 26.91 10.55
C LEU A 194 11.30 26.61 10.68
N ALA A 195 11.91 27.16 11.72
CA ALA A 195 13.31 26.82 11.98
C ALA A 195 13.48 25.37 12.34
N ARG A 196 12.38 24.69 12.65
CA ARG A 196 12.46 23.25 13.07
C ARG A 196 12.08 22.35 11.86
N THR A 197 12.07 22.93 10.66
CA THR A 197 11.65 22.18 9.48
C THR A 197 12.69 22.26 8.38
N VAL A 198 12.71 21.24 7.54
CA VAL A 198 13.48 21.25 6.29
C VAL A 198 12.52 21.15 5.14
N ILE A 199 12.63 22.10 4.23
CA ILE A 199 11.88 22.03 2.96
C ILE A 199 12.70 21.22 1.99
N GLY A 200 12.21 20.06 1.68
CA GLY A 200 13.01 19.09 0.96
C GLY A 200 13.07 19.25 -0.59
N HIS A 201 14.19 18.78 -1.14
CA HIS A 201 14.42 18.68 -2.57
C HIS A 201 14.50 20.01 -3.27
N VAL A 202 14.82 21.04 -2.51
CA VAL A 202 15.05 22.39 -3.04
C VAL A 202 16.27 22.42 -3.96
N GLY A 203 17.21 21.51 -3.73
CA GLY A 203 18.37 21.43 -4.60
C GLY A 203 18.06 21.00 -6.05
N ASP A 204 16.81 20.57 -6.29
CA ASP A 204 16.41 20.16 -7.65
C ASP A 204 16.27 21.38 -8.59
N THR A 205 16.38 22.61 -8.07
CA THR A 205 16.40 23.78 -8.93
C THR A 205 17.65 24.67 -8.59
N ASP A 206 18.06 25.41 -9.59
CA ASP A 206 19.07 26.52 -9.44
C ASP A 206 18.47 27.92 -9.56
N ASP A 207 17.16 27.99 -9.43
CA ASP A 207 16.42 29.28 -9.44
C ASP A 207 16.56 29.96 -8.06
N ILE A 208 17.50 30.91 -8.03
CA ILE A 208 17.82 31.63 -6.84
C ILE A 208 16.62 32.37 -6.24
N SER A 209 15.79 33.00 -7.05
CA SER A 209 14.66 33.75 -6.52
C SER A 209 13.70 32.83 -5.77
N PHE A 210 13.37 31.72 -6.37
CA PHE A 210 12.47 30.70 -5.76
C PHE A 210 13.08 30.14 -4.48
N ILE A 211 14.38 29.87 -4.52
CA ILE A 211 15.02 29.38 -3.36
C ILE A 211 15.01 30.33 -2.18
N GLU A 212 15.31 31.59 -2.46
CA GLU A 212 15.22 32.65 -1.46
C GLU A 212 13.86 32.93 -0.96
N GLN A 213 12.79 32.71 -1.73
CA GLN A 213 11.49 32.80 -1.13
C GLN A 213 11.30 31.86 0.01
N ILE A 214 11.80 30.65 -0.15
CA ILE A 214 11.74 29.66 0.94
C ILE A 214 12.67 30.08 2.10
N LEU A 215 13.92 30.43 1.77
CA LEU A 215 14.89 30.72 2.79
C LEU A 215 14.44 31.90 3.72
N ARG A 216 13.83 32.90 3.14
CA ARG A 216 13.43 34.08 3.94
C ARG A 216 12.35 33.67 4.96
N GLU A 217 11.69 32.52 4.77
CA GLU A 217 10.74 32.07 5.75
C GLU A 217 11.42 31.47 6.98
N GLY A 218 12.67 31.18 6.91
CA GLY A 218 13.40 30.77 8.11
C GLY A 218 13.61 29.25 8.21
N ALA A 219 13.17 28.49 7.21
CA ALA A 219 13.37 27.05 7.24
C ALA A 219 14.76 26.64 6.75
N PHE A 220 15.19 25.42 7.09
CA PHE A 220 16.28 24.82 6.39
C PHE A 220 15.78 24.34 5.01
N ILE A 221 16.71 24.23 4.08
CA ILE A 221 16.44 23.69 2.75
C ILE A 221 17.31 22.50 2.48
N GLY A 222 16.72 21.53 1.79
CA GLY A 222 17.39 20.32 1.44
C GLY A 222 18.02 20.45 0.08
N LEU A 223 19.35 20.57 0.04
CA LEU A 223 20.14 20.45 -1.19
C LEU A 223 20.57 18.97 -1.14
N ASP A 224 19.59 18.12 -1.43
CA ASP A 224 19.57 16.77 -0.88
C ASP A 224 19.55 15.61 -1.88
N ARG A 225 19.82 15.91 -3.15
CA ARG A 225 19.89 14.90 -4.23
C ARG A 225 21.11 15.07 -5.06
N PHE A 226 22.25 15.41 -4.42
CA PHE A 226 23.51 15.31 -5.11
C PHE A 226 23.74 13.97 -5.71
N GLY A 227 23.91 13.96 -7.04
CA GLY A 227 24.09 12.71 -7.75
C GLY A 227 22.86 12.25 -8.57
N LEU A 228 21.72 12.89 -8.42
CA LEU A 228 20.58 12.68 -9.29
C LEU A 228 20.48 13.74 -10.39
N ASP A 229 21.28 13.57 -11.43
CA ASP A 229 21.39 14.55 -12.48
C ASP A 229 20.07 14.71 -13.21
N ILE A 230 19.26 13.65 -13.20
CA ILE A 230 17.97 13.77 -13.86
C ILE A 230 17.09 14.80 -13.21
N TYR A 231 17.22 15.05 -11.91
CA TYR A 231 16.49 16.17 -11.36
C TYR A 231 17.28 17.47 -11.63
N LEU A 232 18.62 17.48 -11.38
CA LEU A 232 19.42 18.67 -11.72
C LEU A 232 20.87 18.27 -11.78
N PRO A 233 21.60 18.71 -12.83
CA PRO A 233 22.97 18.31 -13.03
C PRO A 233 23.86 18.71 -11.82
N LEU A 234 24.89 17.94 -11.58
CA LEU A 234 25.81 18.13 -10.48
C LEU A 234 26.41 19.53 -10.51
N ASP A 235 26.84 20.01 -11.66
CA ASP A 235 27.47 21.35 -11.65
C ASP A 235 26.53 22.48 -11.28
N LYS A 236 25.26 22.41 -11.63
CA LYS A 236 24.35 23.42 -11.19
C LYS A 236 24.06 23.33 -9.67
N ARG A 237 24.02 22.12 -9.16
CA ARG A 237 23.81 21.91 -7.71
C ARG A 237 24.97 22.52 -6.94
N VAL A 238 26.18 22.24 -7.39
CA VAL A 238 27.35 22.73 -6.70
C VAL A 238 27.42 24.27 -6.77
N LYS A 239 27.22 24.84 -7.96
CA LYS A 239 27.18 26.29 -8.09
C LYS A 239 26.10 26.90 -7.20
N THR A 240 24.93 26.27 -7.13
CA THR A 240 23.86 26.81 -6.33
C THR A 240 24.24 26.83 -4.81
N ALA A 241 24.82 25.76 -4.33
CA ALA A 241 25.22 25.70 -2.97
C ALA A 241 26.27 26.80 -2.65
N ILE A 242 27.25 26.97 -3.52
CA ILE A 242 28.32 28.00 -3.34
C ILE A 242 27.69 29.34 -3.30
N GLU A 243 26.80 29.61 -4.24
CA GLU A 243 26.20 30.92 -4.30
C GLU A 243 25.38 31.21 -3.03
N LEU A 244 24.65 30.21 -2.52
CA LEU A 244 23.79 30.44 -1.38
C LEU A 244 24.66 30.72 -0.10
N ILE A 245 25.79 30.04 0.02
CA ILE A 245 26.77 30.37 1.06
C ILE A 245 27.25 31.83 0.95
N LYS A 246 27.67 32.19 -0.22
CA LYS A 246 28.12 33.59 -0.47
C LYS A 246 27.05 34.62 -0.21
N ARG A 247 25.79 34.25 -0.42
CA ARG A 247 24.73 35.18 -0.16
C ARG A 247 24.24 35.21 1.30
N GLY A 248 24.90 34.47 2.16
CA GLY A 248 24.64 34.58 3.59
C GLY A 248 23.77 33.51 4.20
N TRP A 249 23.48 32.42 3.48
CA TRP A 249 22.43 31.48 3.97
C TRP A 249 22.94 30.22 4.60
N ILE A 250 24.24 30.20 4.95
CA ILE A 250 24.84 28.99 5.43
C ILE A 250 24.10 28.27 6.54
N ASP A 251 23.53 28.98 7.50
CA ASP A 251 22.91 28.28 8.60
C ASP A 251 21.60 27.57 8.19
N GLN A 252 21.15 27.74 6.97
CA GLN A 252 19.93 27.11 6.55
C GLN A 252 20.12 26.00 5.51
N LEU A 253 21.38 25.65 5.22
CA LEU A 253 21.68 24.65 4.19
C LEU A 253 21.96 23.28 4.75
N LEU A 254 21.30 22.30 4.14
CA LEU A 254 21.58 20.90 4.44
C LEU A 254 21.91 20.13 3.14
N LEU A 255 22.93 19.29 3.16
CA LEU A 255 23.34 18.58 2.00
C LEU A 255 23.15 17.09 2.17
N SER A 256 22.73 16.42 1.09
CA SER A 256 22.67 14.96 1.10
C SER A 256 22.49 14.42 -0.29
N HIS A 257 22.45 13.08 -0.41
CA HIS A 257 22.39 12.41 -1.71
C HIS A 257 21.02 11.79 -2.01
N ASP A 258 20.20 11.57 -0.97
CA ASP A 258 18.94 10.81 -1.12
C ASP A 258 19.24 9.36 -1.66
N TYR A 259 20.41 8.81 -1.35
CA TYR A 259 20.87 7.61 -2.02
C TYR A 259 19.96 6.40 -1.57
N CYS A 260 19.57 5.52 -2.50
CA CYS A 260 18.81 4.34 -2.21
C CYS A 260 19.61 3.09 -2.63
N PRO A 261 20.22 2.38 -1.67
CA PRO A 261 21.02 1.21 -2.02
C PRO A 261 20.08 0.19 -2.69
N THR A 262 18.81 0.18 -2.32
CA THR A 262 17.75 -0.55 -3.10
C THR A 262 16.62 0.43 -3.31
N ILE A 263 16.07 0.47 -4.52
CA ILE A 263 14.84 1.25 -4.76
C ILE A 263 13.94 0.43 -5.71
N ASP A 264 12.82 -0.05 -5.20
CA ASP A 264 12.04 -1.03 -6.05
C ASP A 264 11.18 -0.37 -7.10
N TRP A 265 11.15 0.95 -7.14
CA TRP A 265 10.37 1.64 -8.16
C TRP A 265 10.87 1.40 -9.59
N TYR A 266 12.15 1.06 -9.74
CA TYR A 266 12.75 0.86 -11.07
C TYR A 266 13.61 -0.34 -11.04
N PRO A 267 13.75 -1.04 -12.18
CA PRO A 267 14.75 -2.08 -12.22
C PRO A 267 16.16 -1.49 -11.96
N PRO A 268 17.00 -2.24 -11.27
CA PRO A 268 18.35 -1.76 -10.92
C PRO A 268 19.16 -1.38 -12.14
N GLU A 269 19.02 -2.13 -13.23
CA GLU A 269 19.74 -1.77 -14.44
C GLU A 269 19.30 -0.42 -15.00
N VAL A 270 18.05 -0.03 -14.83
CA VAL A 270 17.63 1.26 -15.36
C VAL A 270 18.24 2.38 -14.53
N VAL A 271 18.30 2.18 -13.23
CA VAL A 271 18.91 3.13 -12.33
C VAL A 271 20.42 3.32 -12.69
N ARG A 272 21.17 2.23 -12.85
CA ARG A 272 22.59 2.25 -13.17
C ARG A 272 22.82 2.93 -14.42
N SER A 273 21.93 2.71 -15.36
CA SER A 273 22.06 3.33 -16.62
C SER A 273 21.70 4.81 -16.72
N THR A 274 20.77 5.25 -15.86
CA THR A 274 20.29 6.59 -15.89
C THR A 274 21.07 7.54 -14.98
N VAL A 275 21.39 7.11 -13.77
CA VAL A 275 22.14 7.96 -12.80
C VAL A 275 23.35 7.19 -12.28
N PRO A 276 24.28 6.89 -13.20
CA PRO A 276 25.41 6.05 -12.76
C PRO A 276 26.31 6.71 -11.67
N ASP A 277 26.33 8.02 -11.54
CA ASP A 277 27.16 8.67 -10.45
C ASP A 277 26.50 8.75 -9.08
N TRP A 278 25.23 8.29 -8.99
CA TRP A 278 24.52 8.33 -7.71
C TRP A 278 25.08 7.37 -6.73
N THR A 279 25.56 7.87 -5.58
CA THR A 279 26.10 7.05 -4.53
C THR A 279 25.84 7.73 -3.21
N MET A 280 26.30 7.15 -2.13
CA MET A 280 26.20 7.80 -0.84
C MET A 280 27.54 8.53 -0.44
N THR A 281 28.45 8.77 -1.41
CA THR A 281 29.73 9.39 -1.11
C THR A 281 30.09 10.49 -2.06
N LEU A 282 29.26 10.77 -3.05
CA LEU A 282 29.56 11.81 -4.03
C LEU A 282 29.82 13.22 -3.43
N ILE A 283 29.22 13.56 -2.31
CA ILE A 283 29.44 14.83 -1.69
C ILE A 283 30.95 14.93 -1.29
N PHE A 284 31.49 13.85 -0.77
CA PHE A 284 32.89 13.83 -0.31
C PHE A 284 33.85 13.72 -1.47
N GLU A 285 33.49 12.93 -2.47
CA GLU A 285 34.36 12.78 -3.62
C GLU A 285 34.42 13.96 -4.52
N LYS A 286 33.32 14.65 -4.77
CA LYS A 286 33.32 15.69 -5.77
C LYS A 286 32.81 17.07 -5.26
N VAL A 287 31.77 17.08 -4.44
CA VAL A 287 31.14 18.35 -4.11
C VAL A 287 32.08 19.21 -3.22
N ILE A 288 32.54 18.62 -2.13
CA ILE A 288 33.37 19.33 -1.16
C ILE A 288 34.69 19.81 -1.81
N PRO A 289 35.39 18.96 -2.60
CA PRO A 289 36.60 19.45 -3.29
C PRO A 289 36.34 20.61 -4.20
N ARG A 290 35.20 20.63 -4.92
CA ARG A 290 34.86 21.79 -5.78
CA ARG A 290 34.87 21.77 -5.78
C ARG A 290 34.50 23.03 -4.94
N MET A 291 33.78 22.83 -3.86
CA MET A 291 33.43 23.97 -3.09
C MET A 291 34.73 24.58 -2.43
N ARG A 292 35.60 23.75 -1.92
CA ARG A 292 36.88 24.24 -1.36
C ARG A 292 37.69 25.03 -2.42
N SER A 293 37.78 24.51 -3.65
CA SER A 293 38.50 25.18 -4.72
C SER A 293 37.86 26.49 -5.07
N GLU A 294 36.60 26.74 -4.69
CA GLU A 294 35.98 28.05 -4.95
C GLU A 294 36.00 28.92 -3.72
N GLY A 295 36.80 28.59 -2.73
CA GLY A 295 36.90 29.50 -1.53
C GLY A 295 36.03 29.15 -0.33
N ILE A 296 35.19 28.12 -0.44
CA ILE A 296 34.42 27.69 0.69
C ILE A 296 35.39 27.10 1.73
N THR A 297 35.30 27.50 2.99
CA THR A 297 36.32 27.07 3.98
C THR A 297 35.94 25.78 4.64
N GLU A 298 36.94 25.17 5.28
CA GLU A 298 36.77 24.00 6.03
C GLU A 298 35.72 24.10 7.12
N GLU A 299 35.77 25.21 7.84
CA GLU A 299 34.85 25.44 8.91
C GLU A 299 33.40 25.65 8.34
N GLN A 300 33.31 26.26 7.16
CA GLN A 300 31.99 26.40 6.55
C GLN A 300 31.38 25.03 6.22
N ILE A 301 32.17 24.14 5.65
CA ILE A 301 31.77 22.79 5.43
C ILE A 301 31.29 22.09 6.71
N ASN A 302 32.01 22.25 7.81
CA ASN A 302 31.61 21.63 9.06
C ASN A 302 30.34 22.25 9.57
N ARG A 303 30.12 23.55 9.33
CA ARG A 303 28.90 24.18 9.80
C ARG A 303 27.66 23.53 9.13
N VAL A 304 27.82 23.20 7.86
CA VAL A 304 26.73 22.63 7.04
C VAL A 304 26.52 21.17 7.38
N LEU A 305 27.60 20.40 7.46
CA LEU A 305 27.48 18.98 7.61
C LEU A 305 27.45 18.48 9.05
N ILE A 306 27.84 19.34 10.01
CA ILE A 306 27.84 18.96 11.43
C ILE A 306 26.89 19.80 12.20
N ASP A 307 27.05 21.11 12.20
CA ASP A 307 26.23 21.94 13.07
C ASP A 307 24.76 22.02 12.62
N ASN A 308 24.51 22.13 11.33
CA ASN A 308 23.13 22.27 10.84
C ASN A 308 22.24 21.06 11.17
N PRO A 309 22.69 19.86 10.90
CA PRO A 309 21.91 18.68 11.32
C PRO A 309 21.72 18.56 12.80
N ARG A 310 22.74 19.00 13.57
CA ARG A 310 22.59 19.07 15.00
C ARG A 310 21.53 20.04 15.46
N ARG A 311 21.54 21.23 14.90
CA ARG A 311 20.61 22.24 15.31
CA ARG A 311 20.61 22.29 15.28
C ARG A 311 19.17 21.92 14.92
N LEU A 312 19.01 21.19 13.82
CA LEU A 312 17.66 20.70 13.49
C LEU A 312 17.05 19.91 14.66
N PHE A 313 17.86 19.11 15.34
CA PHE A 313 17.42 18.29 16.47
C PHE A 313 17.42 19.02 17.78
N THR A 314 18.14 20.13 17.89
CA THR A 314 18.15 20.93 19.13
C THR A 314 17.47 22.35 19.01
N GLY A 315 17.28 22.91 17.80
CA GLY A 315 16.74 24.31 17.68
C GLY A 315 17.72 25.42 18.10
N MET B 2 -9.99 -33.71 -13.42
CA MET B 2 -8.69 -33.32 -14.06
C MET B 2 -8.32 -31.85 -13.73
N VAL B 3 -9.26 -30.88 -13.67
CA VAL B 3 -8.94 -29.58 -13.07
C VAL B 3 -8.54 -29.79 -11.60
N ARG B 4 -7.46 -29.15 -11.21
CA ARG B 4 -6.98 -29.21 -9.86
C ARG B 4 -6.95 -27.84 -9.25
N ILE B 5 -7.53 -27.72 -8.08
CA ILE B 5 -7.68 -26.44 -7.42
C ILE B 5 -6.90 -26.49 -6.21
N SER B 6 -5.85 -25.66 -6.13
CA SER B 6 -5.14 -25.54 -4.87
C SER B 6 -5.95 -24.91 -3.80
N ILE B 7 -5.80 -25.33 -2.56
CA ILE B 7 -6.46 -24.77 -1.47
C ILE B 7 -5.49 -24.40 -0.37
N ALA B 8 -5.88 -23.46 0.51
CA ALA B 8 -4.96 -23.01 1.54
C ALA B 8 -4.37 -24.20 2.30
N GLY B 9 -3.04 -24.31 2.18
CA GLY B 9 -2.28 -25.41 2.77
C GLY B 9 -1.57 -26.19 1.65
N GLY B 10 -1.80 -25.84 0.38
CA GLY B 10 -1.11 -26.56 -0.68
C GLY B 10 -1.67 -27.94 -1.07
N ASN B 11 -2.69 -28.45 -0.36
CA ASN B 11 -3.50 -29.52 -0.97
C ASN B 11 -4.19 -29.04 -2.19
N GLU B 12 -4.77 -30.02 -2.92
CA GLU B 12 -5.54 -29.80 -4.11
C GLU B 12 -6.84 -30.58 -4.01
N ILE B 13 -7.91 -30.03 -4.59
CA ILE B 13 -9.19 -30.71 -4.67
C ILE B 13 -9.59 -30.59 -6.12
N ASP B 14 -10.52 -31.40 -6.56
CA ASP B 14 -11.08 -31.16 -7.87
C ASP B 14 -12.40 -30.38 -7.64
N PRO B 15 -12.91 -29.74 -8.67
CA PRO B 15 -14.15 -28.87 -8.59
C PRO B 15 -15.38 -29.63 -8.05
N GLY B 16 -15.44 -30.92 -8.38
CA GLY B 16 -16.47 -31.86 -7.85
C GLY B 16 -16.54 -31.96 -6.37
N SER B 17 -15.43 -31.76 -5.66
CA SER B 17 -15.44 -31.86 -4.22
CA SER B 17 -15.43 -31.85 -4.22
C SER B 17 -15.61 -30.52 -3.55
N MET B 18 -15.75 -29.42 -4.31
CA MET B 18 -16.05 -28.10 -3.65
C MET B 18 -17.29 -28.16 -2.77
N GLY B 19 -18.34 -28.84 -3.24
CA GLY B 19 -19.64 -28.84 -2.52
C GLY B 19 -20.23 -27.46 -2.40
N LEU B 20 -20.95 -27.24 -1.31
CA LEU B 20 -21.63 -26.00 -1.06
C LEU B 20 -20.54 -24.94 -0.76
N THR B 21 -20.59 -23.91 -1.55
CA THR B 21 -19.49 -22.93 -1.64
C THR B 21 -20.04 -21.53 -1.49
N LEU B 22 -19.34 -20.72 -0.68
CA LEU B 22 -19.49 -19.25 -0.65
C LEU B 22 -18.37 -18.66 -1.52
N PHE B 23 -18.75 -18.14 -2.66
CA PHE B 23 -17.80 -17.80 -3.72
C PHE B 23 -17.08 -16.45 -3.52
N HIS B 24 -17.60 -15.60 -2.63
CA HIS B 24 -16.94 -14.32 -2.36
C HIS B 24 -17.06 -13.94 -0.89
N GLU B 25 -16.06 -14.30 -0.09
CA GLU B 25 -15.98 -13.92 1.31
C GLU B 25 -14.53 -13.49 1.58
N HIS B 26 -14.26 -13.03 2.81
CA HIS B 26 -12.94 -12.65 3.25
C HIS B 26 -12.70 -13.34 4.60
N LEU B 27 -11.44 -13.58 4.91
CA LEU B 27 -11.07 -14.03 6.23
C LEU B 27 -10.49 -12.88 7.09
N ARG B 28 -9.70 -12.02 6.44
CA ARG B 28 -9.14 -10.86 7.09
C ARG B 28 -8.85 -9.84 5.99
N LEU B 29 -9.49 -8.67 6.10
CA LEU B 29 -9.32 -7.60 5.12
C LEU B 29 -8.55 -6.49 5.80
N ILE B 30 -7.27 -6.42 5.46
CA ILE B 30 -6.34 -5.39 6.05
C ILE B 30 -5.46 -4.72 5.02
N THR B 31 -4.91 -3.57 5.42
CA THR B 31 -4.18 -2.67 4.51
C THR B 31 -2.69 -2.85 4.74
N GLU B 32 -1.97 -3.41 3.79
CA GLU B 32 -0.58 -3.87 4.00
C GLU B 32 0.31 -2.74 4.54
N VAL B 33 0.16 -1.55 4.00
CA VAL B 33 1.08 -0.45 4.38
C VAL B 33 0.82 -0.01 5.84
N VAL B 34 -0.42 -0.06 6.31
CA VAL B 34 -0.73 0.26 7.71
C VAL B 34 -0.24 -0.81 8.67
N ARG B 35 -0.53 -2.09 8.36
CA ARG B 35 -0.17 -3.21 9.19
C ARG B 35 1.34 -3.31 9.28
N TRP B 36 2.07 -3.15 8.16
CA TRP B 36 3.52 -3.16 8.14
C TRP B 36 4.09 -2.13 9.10
N ASN B 37 3.56 -0.92 9.02
CA ASN B 37 4.17 0.23 9.71
C ASN B 37 3.60 0.45 11.08
N TRP B 38 2.35 0.07 11.35
CA TRP B 38 1.75 0.31 12.67
C TRP B 38 1.08 -0.98 13.24
N PRO B 39 1.87 -1.97 13.56
CA PRO B 39 1.31 -3.22 14.13
C PRO B 39 0.56 -3.05 15.45
N HIS B 40 0.86 -1.98 16.17
CA HIS B 40 0.15 -1.74 17.39
C HIS B 40 -1.32 -1.50 17.18
N LEU B 41 -1.74 -1.15 15.98
CA LEU B 41 -3.16 -0.99 15.73
C LEU B 41 -3.95 -2.29 15.49
N TYR B 42 -3.26 -3.42 15.54
CA TYR B 42 -3.89 -4.68 15.21
C TYR B 42 -3.68 -5.68 16.29
N ASN B 43 -4.38 -6.82 16.19
CA ASN B 43 -4.23 -7.95 17.11
C ASN B 43 -4.46 -9.25 16.38
N GLU B 44 -3.39 -9.93 16.10
CA GLU B 44 -3.52 -11.11 15.27
C GLU B 44 -4.33 -12.25 15.91
N ASP B 45 -4.21 -12.43 17.24
CA ASP B 45 -4.99 -13.51 17.91
C ASP B 45 -6.45 -13.24 17.73
N GLU B 46 -6.87 -12.01 17.92
CA GLU B 46 -8.27 -11.70 17.80
CA GLU B 46 -8.27 -11.65 17.79
C GLU B 46 -8.77 -11.80 16.34
N GLU B 47 -7.94 -11.41 15.37
CA GLU B 47 -8.27 -11.56 13.95
C GLU B 47 -8.48 -13.02 13.60
N LEU B 48 -7.58 -13.84 14.10
CA LEU B 48 -7.66 -15.27 13.83
C LEU B 48 -8.95 -15.90 14.43
N LYS B 49 -9.29 -15.52 15.64
CA LYS B 49 -10.50 -15.98 16.32
C LYS B 49 -11.71 -15.56 15.56
N ARG B 50 -11.72 -14.31 15.05
CA ARG B 50 -12.88 -13.85 14.37
C ARG B 50 -13.03 -14.61 13.01
N ALA B 51 -11.95 -14.89 12.34
CA ALA B 51 -12.10 -15.59 11.08
C ALA B 51 -12.55 -17.06 11.31
N ILE B 52 -11.94 -17.69 12.31
CA ILE B 52 -12.31 -19.04 12.69
C ILE B 52 -13.78 -19.13 13.09
N ASP B 53 -14.23 -18.20 13.93
CA ASP B 53 -15.62 -18.22 14.34
C ASP B 53 -16.57 -18.02 13.13
N ALA B 54 -16.20 -17.10 12.23
CA ALA B 54 -17.02 -16.90 11.06
C ALA B 54 -17.10 -18.17 10.18
N VAL B 55 -15.98 -18.80 9.92
CA VAL B 55 -15.95 -19.92 9.03
C VAL B 55 -16.69 -21.13 9.67
N ASN B 56 -16.48 -21.32 10.97
CA ASN B 56 -17.22 -22.36 11.72
C ASN B 56 -18.72 -22.15 11.68
N ALA B 57 -19.21 -20.88 11.72
CA ALA B 57 -20.56 -20.65 11.63
C ALA B 57 -21.10 -21.08 10.23
N ALA B 58 -20.39 -20.75 9.16
CA ALA B 58 -20.82 -21.12 7.81
C ALA B 58 -20.83 -22.64 7.74
N LYS B 59 -19.84 -23.24 8.33
CA LYS B 59 -19.66 -24.71 8.29
C LYS B 59 -20.89 -25.46 8.97
N LYS B 60 -21.42 -24.89 10.04
CA LYS B 60 -22.64 -25.40 10.65
C LYS B 60 -23.80 -25.44 9.71
N TYR B 61 -23.81 -24.63 8.64
CA TYR B 61 -24.88 -24.67 7.68
C TYR B 61 -24.56 -25.49 6.48
N GLY B 62 -23.47 -26.22 6.45
CA GLY B 62 -23.14 -27.13 5.39
C GLY B 62 -22.10 -26.58 4.44
N VAL B 63 -21.55 -25.36 4.69
CA VAL B 63 -20.47 -24.87 3.74
C VAL B 63 -19.28 -25.74 3.79
N LYS B 64 -18.78 -26.11 2.65
CA LYS B 64 -17.62 -26.92 2.57
C LYS B 64 -16.42 -26.12 2.07
N THR B 65 -16.67 -25.14 1.22
CA THR B 65 -15.63 -24.40 0.53
C THR B 65 -15.92 -22.89 0.56
N ILE B 66 -14.89 -22.11 0.86
CA ILE B 66 -14.98 -20.62 0.81
C ILE B 66 -13.87 -20.11 -0.07
N ILE B 67 -14.25 -19.17 -0.96
CA ILE B 67 -13.33 -18.56 -1.85
C ILE B 67 -13.03 -17.22 -1.20
N ASP B 68 -11.78 -17.07 -0.81
CA ASP B 68 -11.32 -15.84 -0.24
C ASP B 68 -10.94 -14.85 -1.32
N LEU B 69 -11.63 -13.72 -1.38
CA LEU B 69 -11.38 -12.72 -2.40
C LEU B 69 -10.37 -11.61 -2.01
N THR B 70 -9.63 -11.84 -0.93
CA THR B 70 -8.57 -10.98 -0.46
C THR B 70 -7.33 -11.23 -1.32
N VAL B 71 -6.97 -10.23 -2.08
CA VAL B 71 -5.76 -10.25 -2.86
C VAL B 71 -4.89 -9.04 -2.45
N ALA B 72 -3.82 -8.83 -3.20
CA ALA B 72 -2.86 -7.71 -2.93
C ALA B 72 -3.60 -6.43 -2.92
N GLY B 73 -3.36 -5.65 -1.89
CA GLY B 73 -4.01 -4.33 -1.71
C GLY B 73 -4.99 -4.37 -0.56
N ILE B 74 -5.50 -5.56 -0.25
CA ILE B 74 -6.44 -5.78 0.88
C ILE B 74 -6.02 -6.88 1.78
N GLY B 75 -4.75 -7.18 1.73
CA GLY B 75 -4.06 -7.83 2.84
C GLY B 75 -3.92 -9.34 2.80
N CYS B 76 -3.99 -9.88 1.62
CA CYS B 76 -3.82 -11.34 1.45
C CYS B 76 -2.65 -11.98 2.20
N ASP B 77 -2.91 -13.08 2.95
CA ASP B 77 -1.87 -13.75 3.73
C ASP B 77 -2.18 -15.24 3.75
N VAL B 78 -1.42 -16.02 3.00
CA VAL B 78 -1.62 -17.47 2.90
C VAL B 78 -1.41 -18.14 4.26
N ARG B 79 -0.39 -17.73 4.99
CA ARG B 79 -0.15 -18.30 6.33
C ARG B 79 -1.26 -18.07 7.31
N PHE B 80 -1.87 -16.88 7.32
CA PHE B 80 -3.05 -16.68 8.08
C PHE B 80 -4.14 -17.69 7.67
N ASN B 81 -4.40 -17.76 6.37
CA ASN B 81 -5.50 -18.60 5.85
C ASN B 81 -5.28 -20.07 6.22
N GLU B 82 -4.02 -20.53 6.20
CA GLU B 82 -3.69 -21.89 6.59
C GLU B 82 -4.09 -22.18 8.02
N LYS B 83 -3.91 -21.24 8.93
CA LYS B 83 -4.35 -21.43 10.29
C LYS B 83 -5.85 -21.56 10.38
N VAL B 84 -6.54 -20.73 9.61
CA VAL B 84 -8.00 -20.78 9.57
C VAL B 84 -8.46 -22.14 9.04
N ALA B 85 -7.91 -22.54 7.89
CA ALA B 85 -8.28 -23.81 7.24
C ALA B 85 -8.07 -25.03 8.20
N LYS B 86 -6.93 -25.04 8.87
CA LYS B 86 -6.57 -26.08 9.80
C LYS B 86 -7.51 -26.12 10.98
N ALA B 87 -7.84 -24.98 11.57
CA ALA B 87 -8.73 -24.99 12.66
C ALA B 87 -10.17 -25.43 12.31
N THR B 88 -10.59 -25.24 11.07
CA THR B 88 -12.02 -25.37 10.73
C THR B 88 -12.32 -26.60 9.89
N GLY B 89 -11.34 -27.03 9.12
CA GLY B 89 -11.49 -28.03 8.10
C GLY B 89 -12.23 -27.60 6.85
N VAL B 90 -12.48 -26.31 6.65
CA VAL B 90 -13.17 -25.88 5.44
C VAL B 90 -12.14 -25.68 4.36
N ASN B 91 -12.48 -25.98 3.14
CA ASN B 91 -11.57 -25.65 2.03
C ASN B 91 -11.53 -24.13 1.83
N ILE B 92 -10.32 -23.57 1.76
CA ILE B 92 -10.15 -22.13 1.45
C ILE B 92 -9.42 -21.97 0.15
N ILE B 93 -10.08 -21.42 -0.85
CA ILE B 93 -9.52 -21.19 -2.17
C ILE B 93 -9.03 -19.75 -2.25
N MET B 94 -7.82 -19.54 -2.76
CA MET B 94 -7.21 -18.22 -2.82
C MET B 94 -6.94 -17.84 -4.26
N GLY B 95 -6.70 -16.55 -4.47
CA GLY B 95 -6.53 -15.99 -5.81
C GLY B 95 -5.37 -14.99 -5.91
N THR B 96 -5.23 -14.33 -7.04
CA THR B 96 -4.26 -13.33 -7.18
C THR B 96 -4.90 -12.16 -7.86
N GLY B 97 -4.13 -11.12 -8.12
CA GLY B 97 -4.65 -9.87 -8.65
C GLY B 97 -4.19 -8.70 -7.85
N PHE B 98 -4.60 -7.49 -8.28
CA PHE B 98 -4.27 -6.28 -7.54
C PHE B 98 -5.52 -5.44 -7.31
N TYR B 99 -5.83 -5.22 -6.06
CA TYR B 99 -7.00 -4.50 -5.63
C TYR B 99 -6.69 -3.00 -5.51
N THR B 100 -7.28 -2.22 -6.38
CA THR B 100 -7.19 -0.78 -6.36
C THR B 100 -8.37 -0.18 -7.12
N TYR B 101 -8.80 1.00 -6.65
CA TYR B 101 -9.81 1.85 -7.35
C TYR B 101 -9.22 2.97 -8.22
N THR B 102 -7.90 3.23 -8.10
CA THR B 102 -7.30 4.40 -8.76
C THR B 102 -5.93 4.20 -9.32
N GLU B 103 -4.98 3.84 -8.44
CA GLU B 103 -3.58 3.75 -8.79
C GLU B 103 -2.99 2.42 -8.57
N ILE B 104 -1.98 2.11 -9.37
CA ILE B 104 -1.15 0.97 -9.09
C ILE B 104 0.27 1.38 -8.62
N PRO B 105 1.00 0.46 -8.01
CA PRO B 105 2.34 0.93 -7.57
C PRO B 105 3.32 1.28 -8.69
N PHE B 106 4.18 2.25 -8.39
CA PHE B 106 5.30 2.63 -9.29
C PHE B 106 6.07 1.43 -9.77
N TYR B 107 6.23 0.45 -8.87
CA TYR B 107 6.90 -0.79 -9.13
C TYR B 107 6.45 -1.38 -10.50
N PHE B 108 5.14 -1.50 -10.65
CA PHE B 108 4.59 -2.07 -11.90
C PHE B 108 4.39 -1.01 -12.99
N LYS B 109 3.97 0.18 -12.63
CA LYS B 109 3.85 1.24 -13.66
C LYS B 109 5.18 1.42 -14.43
N ASN B 110 6.32 1.45 -13.72
CA ASN B 110 7.58 1.74 -14.42
C ASN B 110 8.10 0.57 -15.18
N ARG B 111 7.58 -0.64 -14.93
CA ARG B 111 8.05 -1.84 -15.62
C ARG B 111 7.10 -2.24 -16.78
N GLY B 112 5.85 -1.87 -16.71
CA GLY B 112 4.93 -2.26 -17.80
C GLY B 112 3.98 -3.36 -17.39
N ILE B 113 2.89 -3.46 -18.15
CA ILE B 113 1.84 -4.48 -17.90
C ILE B 113 2.34 -5.86 -17.74
N ASP B 114 3.34 -6.24 -18.52
CA ASP B 114 3.88 -7.60 -18.39
C ASP B 114 4.42 -7.97 -17.04
N SER B 115 4.95 -7.00 -16.33
CA SER B 115 5.45 -7.29 -15.03
C SER B 115 4.31 -7.69 -14.08
N LEU B 116 3.17 -7.07 -14.25
CA LEU B 116 2.03 -7.38 -13.40
C LEU B 116 1.43 -8.77 -13.77
N VAL B 117 1.25 -9.03 -15.10
CA VAL B 117 0.83 -10.33 -15.58
C VAL B 117 1.74 -11.37 -14.99
N ASP B 118 3.05 -11.16 -15.10
CA ASP B 118 4.00 -12.19 -14.62
C ASP B 118 3.86 -12.47 -13.16
N ALA B 119 3.62 -11.43 -12.34
CA ALA B 119 3.43 -11.68 -10.92
C ALA B 119 2.18 -12.56 -10.68
N PHE B 120 1.10 -12.21 -11.38
CA PHE B 120 -0.10 -13.03 -11.28
C PHE B 120 0.14 -14.49 -11.72
N VAL B 121 0.77 -14.65 -12.87
CA VAL B 121 1.13 -16.03 -13.35
C VAL B 121 2.00 -16.82 -12.42
N HIS B 122 2.92 -16.12 -11.78
CA HIS B 122 3.68 -16.79 -10.76
C HIS B 122 2.83 -17.33 -9.65
N ASP B 123 1.86 -16.54 -9.19
CA ASP B 123 1.02 -17.01 -8.08
C ASP B 123 0.18 -18.26 -8.48
N ILE B 124 -0.24 -18.26 -9.71
CA ILE B 124 -1.12 -19.26 -10.32
C ILE B 124 -0.34 -20.55 -10.62
N THR B 125 0.90 -20.42 -11.06
CA THR B 125 1.68 -21.59 -11.54
C THR B 125 2.77 -22.12 -10.58
N ILE B 126 3.23 -21.31 -9.61
CA ILE B 126 4.26 -21.64 -8.69
C ILE B 126 3.67 -21.64 -7.32
N GLY B 127 3.11 -20.51 -6.85
CA GLY B 127 2.66 -20.47 -5.51
C GLY B 127 2.66 -19.05 -4.96
N ILE B 128 1.80 -18.84 -4.00
CA ILE B 128 1.62 -17.52 -3.36
C ILE B 128 2.54 -17.34 -2.15
N GLN B 129 3.28 -16.23 -2.13
CA GLN B 129 4.03 -15.80 -0.88
C GLN B 129 4.99 -16.86 -0.39
N GLY B 130 5.69 -17.46 -1.33
CA GLY B 130 6.75 -18.44 -0.97
C GLY B 130 6.15 -19.78 -0.56
N THR B 131 4.84 -20.02 -0.78
CA THR B 131 4.23 -21.33 -0.39
C THR B 131 3.89 -22.16 -1.62
N ASN B 132 3.39 -23.39 -1.39
CA ASN B 132 2.82 -24.21 -2.47
C ASN B 132 1.31 -24.06 -2.71
N THR B 133 0.66 -23.10 -2.04
CA THR B 133 -0.70 -22.78 -2.33
C THR B 133 -0.74 -21.87 -3.57
N ARG B 134 -1.31 -22.36 -4.64
CA ARG B 134 -1.42 -21.59 -5.86
C ARG B 134 -2.76 -20.86 -5.94
N ALA B 135 -2.71 -19.72 -6.60
CA ALA B 135 -3.91 -18.94 -6.91
C ALA B 135 -4.77 -19.71 -7.95
N ALA B 136 -6.06 -19.85 -7.66
CA ALA B 136 -6.98 -20.65 -8.52
C ALA B 136 -7.91 -19.73 -9.27
N PHE B 137 -7.80 -18.43 -8.99
CA PHE B 137 -8.50 -17.43 -9.77
C PHE B 137 -7.67 -16.13 -9.81
N VAL B 138 -8.06 -15.23 -10.69
CA VAL B 138 -7.52 -13.87 -10.71
C VAL B 138 -8.64 -12.85 -10.54
N KCX B 139 -8.39 -11.76 -9.79
CA KCX B 139 -9.35 -10.64 -9.50
CB KCX B 139 -9.39 -10.35 -8.04
CG KCX B 139 -10.48 -9.38 -7.63
CD KCX B 139 -10.58 -9.28 -6.11
CE KCX B 139 -11.76 -8.43 -5.69
NZ KCX B 139 -11.94 -8.60 -4.24
C KCX B 139 -9.02 -9.43 -10.33
O KCX B 139 -7.84 -9.09 -10.53
CX KCX B 139 -13.03 -8.12 -3.62
OQ1 KCX B 139 -13.20 -8.29 -2.41
OQ2 KCX B 139 -13.93 -7.41 -4.30
N ALA B 140 -10.07 -8.75 -10.79
CA ALA B 140 -9.98 -7.43 -11.45
C ALA B 140 -10.95 -6.52 -10.76
N VAL B 141 -10.56 -5.26 -10.57
CA VAL B 141 -11.28 -4.35 -9.70
C VAL B 141 -11.53 -3.01 -10.42
N ILE B 142 -12.75 -2.49 -10.32
CA ILE B 142 -13.09 -1.13 -10.76
C ILE B 142 -14.10 -0.58 -9.80
N ASP B 143 -14.05 0.73 -9.52
CA ASP B 143 -15.04 1.27 -8.60
C ASP B 143 -15.50 2.67 -9.04
N SER B 144 -15.78 3.54 -8.09
CA SER B 144 -16.45 4.85 -8.30
C SER B 144 -15.57 5.84 -9.03
N SER B 145 -14.25 5.63 -9.05
CA SER B 145 -13.36 6.47 -9.87
C SER B 145 -13.36 6.08 -11.29
N GLY B 146 -14.01 4.96 -11.64
CA GLY B 146 -14.07 4.63 -13.08
C GLY B 146 -12.79 4.04 -13.59
N LEU B 147 -12.69 4.07 -14.91
CA LEU B 147 -11.61 3.49 -15.61
C LEU B 147 -10.38 4.41 -15.72
N THR B 148 -9.61 4.52 -14.66
CA THR B 148 -8.33 5.24 -14.70
C THR B 148 -7.34 4.40 -15.48
N LYS B 149 -6.28 5.02 -15.93
CA LYS B 149 -5.29 4.32 -16.69
C LYS B 149 -4.70 3.11 -15.95
N ASP B 150 -4.41 3.31 -14.67
CA ASP B 150 -3.82 2.28 -13.87
C ASP B 150 -4.84 1.11 -13.63
N VAL B 151 -6.08 1.48 -13.33
CA VAL B 151 -7.16 0.47 -13.17
C VAL B 151 -7.30 -0.30 -14.48
N GLU B 152 -7.30 0.40 -15.60
CA GLU B 152 -7.33 -0.28 -16.90
C GLU B 152 -6.20 -1.23 -17.04
N MET B 153 -5.00 -0.82 -16.67
CA MET B 153 -3.89 -1.76 -16.73
C MET B 153 -4.06 -3.01 -15.88
N ALA B 154 -4.54 -2.84 -14.66
CA ALA B 154 -4.65 -3.98 -13.79
C ALA B 154 -5.75 -4.98 -14.35
N ILE B 155 -6.86 -4.45 -14.86
CA ILE B 155 -7.93 -5.28 -15.45
C ILE B 155 -7.39 -6.01 -16.66
N ARG B 156 -6.67 -5.31 -17.54
CA ARG B 156 -6.06 -6.02 -18.63
C ARG B 156 -4.99 -7.03 -18.21
N ALA B 157 -4.20 -6.74 -17.20
CA ALA B 157 -3.27 -7.77 -16.72
C ALA B 157 -3.98 -9.02 -16.17
N ALA B 158 -5.12 -8.81 -15.49
CA ALA B 158 -5.94 -9.96 -14.99
C ALA B 158 -6.40 -10.82 -16.16
N ALA B 159 -6.91 -10.12 -17.17
CA ALA B 159 -7.34 -10.80 -18.42
C ALA B 159 -6.25 -11.64 -19.09
N LYS B 160 -5.06 -11.06 -19.23
CA LYS B 160 -3.93 -11.69 -19.93
C LYS B 160 -3.47 -12.79 -19.13
N ALA B 161 -3.58 -12.69 -17.79
CA ALA B 161 -3.22 -13.82 -16.94
C ALA B 161 -4.19 -15.01 -17.06
N HIS B 162 -5.49 -14.71 -17.19
CA HIS B 162 -6.53 -15.70 -17.46
C HIS B 162 -6.24 -16.40 -18.83
N ILE B 163 -5.91 -15.63 -19.85
CA ILE B 163 -5.62 -16.22 -21.19
C ILE B 163 -4.43 -17.17 -21.09
N LYS B 164 -3.43 -16.87 -20.28
CA LYS B 164 -2.31 -17.82 -20.14
C LYS B 164 -2.56 -19.02 -19.29
N THR B 165 -3.45 -18.92 -18.30
CA THR B 165 -3.58 -20.03 -17.35
C THR B 165 -4.95 -20.67 -17.27
N ASP B 166 -5.92 -20.05 -17.88
CA ASP B 166 -7.32 -20.48 -17.84
C ASP B 166 -8.02 -20.46 -16.50
N VAL B 167 -7.46 -19.85 -15.45
CA VAL B 167 -8.20 -19.68 -14.17
C VAL B 167 -9.32 -18.69 -14.36
N PRO B 168 -10.41 -18.82 -13.60
CA PRO B 168 -11.50 -17.86 -13.76
C PRO B 168 -11.15 -16.46 -13.29
N ILE B 169 -11.95 -15.46 -13.71
CA ILE B 169 -11.73 -14.08 -13.31
C ILE B 169 -12.90 -13.74 -12.45
N ILE B 170 -12.65 -13.43 -11.20
CA ILE B 170 -13.71 -13.02 -10.29
C ILE B 170 -13.53 -11.49 -10.02
N THR B 171 -14.51 -10.65 -10.29
CA THR B 171 -14.30 -9.20 -10.24
C THR B 171 -15.08 -8.50 -9.11
N HIS B 172 -14.59 -7.29 -8.87
CA HIS B 172 -15.23 -6.27 -8.09
C HIS B 172 -15.65 -5.16 -9.06
N SER B 173 -16.94 -4.78 -9.09
CA SER B 173 -17.29 -3.57 -9.76
C SER B 173 -18.20 -2.68 -8.91
N PHE B 174 -18.58 -1.55 -9.47
CA PHE B 174 -19.42 -0.56 -8.78
C PHE B 174 -20.54 -0.24 -9.72
N VAL B 175 -21.75 -0.60 -9.37
CA VAL B 175 -22.85 -0.42 -10.31
C VAL B 175 -23.34 1.04 -10.55
N GLY B 176 -23.12 1.96 -9.61
CA GLY B 176 -23.65 3.33 -9.79
C GLY B 176 -23.09 4.06 -11.00
N ASN B 177 -21.89 3.74 -11.48
CA ASN B 177 -21.38 4.43 -12.67
C ASN B 177 -21.30 3.47 -13.81
N LYS B 178 -21.97 2.32 -13.71
CA LYS B 178 -21.89 1.36 -14.74
C LYS B 178 -20.51 0.87 -15.05
N SER B 179 -19.58 0.91 -14.07
CA SER B 179 -18.23 0.34 -14.30
C SER B 179 -18.20 -1.14 -14.66
N SER B 180 -19.25 -1.88 -14.28
CA SER B 180 -19.42 -3.28 -14.62
C SER B 180 -19.24 -3.49 -16.11
N LEU B 181 -19.76 -2.57 -16.88
CA LEU B 181 -19.66 -2.68 -18.35
C LEU B 181 -18.30 -2.46 -18.93
N ASP B 182 -17.46 -1.62 -18.29
CA ASP B 182 -16.03 -1.55 -18.68
C ASP B 182 -15.26 -2.84 -18.49
N LEU B 183 -15.57 -3.58 -17.43
CA LEU B 183 -15.01 -4.86 -17.33
C LEU B 183 -15.30 -5.73 -18.55
N ILE B 184 -16.56 -5.79 -18.92
CA ILE B 184 -16.97 -6.65 -20.00
CA ILE B 184 -17.05 -6.59 -20.03
C ILE B 184 -16.30 -6.18 -21.30
N ARG B 185 -16.31 -4.89 -21.56
CA ARG B 185 -15.65 -4.41 -22.77
C ARG B 185 -14.19 -4.76 -22.85
N ILE B 186 -13.44 -4.48 -21.77
CA ILE B 186 -12.04 -4.87 -21.76
C ILE B 186 -11.83 -6.39 -21.93
N PHE B 187 -12.60 -7.19 -21.19
CA PHE B 187 -12.46 -8.59 -21.34
C PHE B 187 -12.72 -9.05 -22.84
N LYS B 188 -13.73 -8.53 -23.48
CA LYS B 188 -13.97 -8.85 -24.90
C LYS B 188 -12.73 -8.48 -25.76
N GLU B 189 -12.19 -7.30 -25.56
CA GLU B 189 -11.00 -6.92 -26.29
C GLU B 189 -9.88 -7.86 -26.06
N GLU B 190 -9.75 -8.43 -24.86
CA GLU B 190 -8.64 -9.30 -24.63
C GLU B 190 -8.94 -10.75 -25.03
N GLY B 191 -10.10 -11.05 -25.61
CA GLY B 191 -10.41 -12.42 -26.02
C GLY B 191 -10.85 -13.31 -24.90
N VAL B 192 -11.26 -12.74 -23.75
CA VAL B 192 -11.73 -13.60 -22.66
C VAL B 192 -13.13 -14.19 -22.95
N ASP B 193 -13.29 -15.46 -22.69
CA ASP B 193 -14.63 -16.04 -22.68
C ASP B 193 -15.35 -15.61 -21.43
N LEU B 194 -16.41 -14.87 -21.59
CA LEU B 194 -17.12 -14.27 -20.45
CA LEU B 194 -17.10 -14.27 -20.43
C LEU B 194 -17.74 -15.27 -19.49
N ALA B 195 -17.95 -16.51 -19.96
CA ALA B 195 -18.50 -17.54 -19.12
C ALA B 195 -17.52 -17.95 -18.11
N ARG B 196 -16.25 -17.51 -18.25
CA ARG B 196 -15.25 -17.85 -17.25
C ARG B 196 -15.06 -16.66 -16.24
N THR B 197 -15.98 -15.69 -16.24
CA THR B 197 -15.87 -14.44 -15.42
C THR B 197 -17.12 -14.22 -14.56
N VAL B 198 -16.91 -13.62 -13.40
CA VAL B 198 -17.94 -13.06 -12.56
C VAL B 198 -17.84 -11.55 -12.55
N ILE B 199 -18.94 -10.89 -12.93
CA ILE B 199 -19.09 -9.44 -12.78
C ILE B 199 -19.63 -9.18 -11.39
N GLY B 200 -18.76 -8.66 -10.54
CA GLY B 200 -19.09 -8.58 -9.14
C GLY B 200 -19.87 -7.36 -8.67
N HIS B 201 -20.50 -7.58 -7.53
CA HIS B 201 -21.29 -6.59 -6.84
C HIS B 201 -22.47 -6.08 -7.64
N VAL B 202 -22.96 -6.93 -8.51
CA VAL B 202 -24.15 -6.63 -9.28
C VAL B 202 -25.39 -6.66 -8.41
N GLY B 203 -25.39 -7.45 -7.34
CA GLY B 203 -26.48 -7.45 -6.43
C GLY B 203 -26.64 -6.14 -5.61
N ASP B 204 -25.75 -5.16 -5.81
CA ASP B 204 -25.93 -3.86 -5.20
C ASP B 204 -27.00 -3.03 -5.90
N THR B 205 -27.65 -3.52 -6.97
CA THR B 205 -28.77 -2.79 -7.57
C THR B 205 -29.95 -3.79 -7.70
N ASP B 206 -31.16 -3.24 -7.76
CA ASP B 206 -32.41 -3.99 -8.08
C ASP B 206 -32.94 -3.51 -9.44
N ASP B 207 -32.12 -2.77 -10.17
CA ASP B 207 -32.46 -2.39 -11.52
C ASP B 207 -32.26 -3.61 -12.50
N ILE B 208 -33.33 -4.37 -12.69
CA ILE B 208 -33.31 -5.62 -13.45
C ILE B 208 -32.89 -5.44 -14.89
N SER B 209 -33.25 -4.34 -15.54
CA SER B 209 -32.79 -4.16 -16.94
C SER B 209 -31.30 -3.98 -17.05
N PHE B 210 -30.74 -3.25 -16.11
CA PHE B 210 -29.28 -3.10 -16.12
C PHE B 210 -28.61 -4.45 -15.81
N ILE B 211 -29.16 -5.22 -14.87
CA ILE B 211 -28.58 -6.53 -14.58
C ILE B 211 -28.60 -7.43 -15.81
N GLU B 212 -29.70 -7.41 -16.53
CA GLU B 212 -29.81 -8.19 -17.76
C GLU B 212 -28.91 -7.73 -18.84
N GLN B 213 -28.59 -6.46 -18.88
CA GLN B 213 -27.61 -6.04 -19.85
C GLN B 213 -26.28 -6.76 -19.67
N ILE B 214 -25.92 -6.99 -18.43
CA ILE B 214 -24.71 -7.80 -18.10
C ILE B 214 -24.96 -9.29 -18.39
N LEU B 215 -26.08 -9.84 -17.89
CA LEU B 215 -26.41 -11.24 -18.08
C LEU B 215 -26.44 -11.63 -19.56
N ARG B 216 -26.92 -10.77 -20.48
CA ARG B 216 -27.01 -11.15 -21.89
C ARG B 216 -25.63 -11.27 -22.50
N GLU B 217 -24.58 -10.81 -21.81
CA GLU B 217 -23.22 -10.99 -22.35
C GLU B 217 -22.65 -12.38 -21.99
N GLY B 218 -23.31 -13.14 -21.11
CA GLY B 218 -22.90 -14.53 -20.86
C GLY B 218 -22.04 -14.75 -19.61
N ALA B 219 -21.77 -13.66 -18.85
CA ALA B 219 -21.02 -13.80 -17.63
C ALA B 219 -21.86 -14.25 -16.40
N PHE B 220 -21.20 -14.78 -15.37
CA PHE B 220 -21.80 -14.91 -14.06
C PHE B 220 -21.91 -13.48 -13.44
N ILE B 221 -22.95 -13.26 -12.64
CA ILE B 221 -23.06 -12.09 -11.77
C ILE B 221 -22.96 -12.44 -10.30
N GLY B 222 -22.32 -11.53 -9.59
CA GLY B 222 -22.20 -11.66 -8.15
C GLY B 222 -23.31 -10.92 -7.44
N LEU B 223 -24.28 -11.68 -6.95
CA LEU B 223 -25.27 -11.21 -5.95
C LEU B 223 -24.60 -11.50 -4.57
N ASP B 224 -23.57 -10.68 -4.26
CA ASP B 224 -22.51 -11.11 -3.43
C ASP B 224 -22.29 -10.33 -2.12
N ARG B 225 -23.24 -9.46 -1.74
CA ARG B 225 -23.14 -8.60 -0.59
C ARG B 225 -24.38 -8.68 0.27
N PHE B 226 -24.98 -9.88 0.33
CA PHE B 226 -26.11 -10.08 1.25
C PHE B 226 -25.68 -9.71 2.64
N GLY B 227 -26.44 -8.80 3.26
CA GLY B 227 -26.12 -8.28 4.62
C GLY B 227 -25.54 -6.87 4.64
N LEU B 228 -25.13 -6.34 3.51
CA LEU B 228 -24.64 -4.97 3.43
C LEU B 228 -25.73 -4.08 2.91
N ASP B 229 -26.61 -3.72 3.83
CA ASP B 229 -27.77 -2.94 3.54
C ASP B 229 -27.43 -1.55 3.03
N ILE B 230 -26.30 -0.99 3.44
CA ILE B 230 -25.86 0.28 2.89
C ILE B 230 -25.60 0.28 1.40
N TYR B 231 -25.27 -0.87 0.81
CA TYR B 231 -25.26 -0.88 -0.64
C TYR B 231 -26.66 -1.17 -1.22
N LEU B 232 -27.36 -2.14 -0.63
CA LEU B 232 -28.76 -2.39 -1.01
C LEU B 232 -29.42 -3.21 0.06
N PRO B 233 -30.64 -2.83 0.46
CA PRO B 233 -31.26 -3.49 1.56
C PRO B 233 -31.60 -4.93 1.23
N LEU B 234 -31.62 -5.76 2.26
CA LEU B 234 -31.81 -7.16 2.19
C LEU B 234 -33.07 -7.54 1.38
N ASP B 235 -34.15 -6.83 1.60
CA ASP B 235 -35.41 -7.21 0.99
CA ASP B 235 -35.37 -7.18 0.95
C ASP B 235 -35.33 -7.05 -0.52
N LYS B 236 -34.68 -5.99 -0.98
CA LYS B 236 -34.54 -5.76 -2.39
C LYS B 236 -33.58 -6.78 -3.02
N ARG B 237 -32.59 -7.20 -2.26
CA ARG B 237 -31.61 -8.22 -2.80
C ARG B 237 -32.30 -9.59 -2.98
N VAL B 238 -33.08 -9.96 -1.99
CA VAL B 238 -33.80 -11.19 -2.01
C VAL B 238 -34.83 -11.20 -3.14
N LYS B 239 -35.60 -10.13 -3.24
CA LYS B 239 -36.53 -9.95 -4.35
CA LYS B 239 -36.54 -9.99 -4.34
C LYS B 239 -35.85 -10.05 -5.72
N THR B 240 -34.71 -9.40 -5.88
CA THR B 240 -33.99 -9.44 -7.12
C THR B 240 -33.55 -10.88 -7.51
N ALA B 241 -33.01 -11.60 -6.55
CA ALA B 241 -32.49 -12.93 -6.78
C ALA B 241 -33.65 -13.90 -7.17
N ILE B 242 -34.75 -13.81 -6.44
CA ILE B 242 -35.94 -14.65 -6.77
C ILE B 242 -36.42 -14.33 -8.19
N GLU B 243 -36.56 -13.06 -8.53
CA GLU B 243 -37.02 -12.65 -9.89
C GLU B 243 -36.07 -13.14 -11.00
N LEU B 244 -34.76 -13.03 -10.79
CA LEU B 244 -33.82 -13.42 -11.81
C LEU B 244 -33.89 -14.99 -12.03
N ILE B 245 -34.12 -15.73 -10.96
CA ILE B 245 -34.37 -17.14 -11.11
C ILE B 245 -35.66 -17.41 -11.88
N LYS B 246 -36.72 -16.72 -11.51
CA LYS B 246 -37.97 -16.91 -12.23
C LYS B 246 -37.91 -16.52 -13.67
N ARG B 247 -37.03 -15.64 -14.06
CA ARG B 247 -36.93 -15.23 -15.44
C ARG B 247 -36.06 -16.18 -16.29
N GLY B 248 -35.43 -17.16 -15.65
CA GLY B 248 -34.60 -18.17 -16.38
C GLY B 248 -33.09 -17.95 -16.31
N TRP B 249 -32.60 -17.05 -15.40
CA TRP B 249 -31.16 -16.72 -15.35
C TRP B 249 -30.32 -17.56 -14.39
N ILE B 250 -30.89 -18.63 -13.81
CA ILE B 250 -30.23 -19.34 -12.73
C ILE B 250 -28.77 -19.75 -12.99
N ASP B 251 -28.46 -20.18 -14.18
CA ASP B 251 -27.10 -20.68 -14.41
C ASP B 251 -26.03 -19.57 -14.31
N GLN B 252 -26.43 -18.32 -14.22
CA GLN B 252 -25.47 -17.29 -14.16
C GLN B 252 -25.41 -16.58 -12.79
N LEU B 253 -26.12 -17.11 -11.81
CA LEU B 253 -26.19 -16.44 -10.51
C LEU B 253 -25.24 -17.05 -9.48
N LEU B 254 -24.50 -16.19 -8.79
CA LEU B 254 -23.69 -16.57 -7.65
C LEU B 254 -24.11 -15.74 -6.42
N LEU B 255 -24.26 -16.38 -5.27
CA LEU B 255 -24.60 -15.68 -4.02
C LEU B 255 -23.48 -15.70 -2.99
N SER B 256 -23.27 -14.59 -2.30
CA SER B 256 -22.36 -14.54 -1.18
C SER B 256 -22.63 -13.31 -0.31
N HIS B 257 -21.84 -13.17 0.76
CA HIS B 257 -22.02 -12.11 1.71
C HIS B 257 -20.89 -11.04 1.67
N ASP B 258 -19.77 -11.41 1.07
CA ASP B 258 -18.58 -10.53 1.10
C ASP B 258 -18.14 -10.22 2.53
N TYR B 259 -18.30 -11.20 3.41
CA TYR B 259 -18.20 -10.92 4.82
C TYR B 259 -16.72 -10.78 5.21
N CYS B 260 -16.45 -9.80 6.03
CA CYS B 260 -15.08 -9.54 6.50
C CYS B 260 -15.02 -9.69 8.05
N PRO B 261 -14.45 -10.77 8.53
CA PRO B 261 -14.43 -10.93 9.97
C PRO B 261 -13.57 -9.84 10.63
N THR B 262 -12.59 -9.36 9.89
CA THR B 262 -11.85 -8.10 10.20
C THR B 262 -11.86 -7.29 8.94
N ILE B 263 -12.06 -5.99 9.08
CA ILE B 263 -11.92 -5.05 7.96
C ILE B 263 -11.36 -3.74 8.55
N ASP B 264 -10.13 -3.39 8.16
CA ASP B 264 -9.44 -2.27 8.86
C ASP B 264 -9.81 -0.91 8.32
N TRP B 265 -10.64 -0.85 7.26
CA TRP B 265 -11.07 0.41 6.75
C TRP B 265 -11.92 1.25 7.69
N TYR B 266 -12.60 0.62 8.60
CA TYR B 266 -13.52 1.31 9.50
C TYR B 266 -13.37 0.74 10.89
N PRO B 267 -13.55 1.58 11.93
CA PRO B 267 -13.50 0.96 13.29
C PRO B 267 -14.61 -0.07 13.41
N PRO B 268 -14.37 -1.14 14.17
CA PRO B 268 -15.39 -2.16 14.31
C PRO B 268 -16.73 -1.67 14.86
N GLU B 269 -16.73 -0.62 15.67
CA GLU B 269 -17.95 -0.07 16.27
CA GLU B 269 -17.99 -0.14 16.26
C GLU B 269 -18.79 0.50 15.18
N VAL B 270 -18.12 1.14 14.21
CA VAL B 270 -18.79 1.74 13.07
C VAL B 270 -19.46 0.66 12.19
N VAL B 271 -18.78 -0.43 11.93
CA VAL B 271 -19.34 -1.51 11.10
C VAL B 271 -20.61 -2.06 11.80
N ARG B 272 -20.49 -2.32 13.09
CA ARG B 272 -21.61 -2.89 13.91
C ARG B 272 -22.80 -2.00 13.91
N SER B 273 -22.59 -0.68 14.01
CA SER B 273 -23.65 0.26 13.99
CA SER B 273 -23.65 0.28 13.99
C SER B 273 -24.34 0.41 12.64
N THR B 274 -23.59 0.18 11.58
CA THR B 274 -24.07 0.54 10.27
C THR B 274 -24.65 -0.71 9.58
N VAL B 275 -24.00 -1.88 9.72
CA VAL B 275 -24.48 -3.14 9.09
C VAL B 275 -24.53 -4.28 10.08
N PRO B 276 -25.35 -4.10 11.11
CA PRO B 276 -25.39 -5.06 12.19
C PRO B 276 -25.84 -6.48 11.76
N ASP B 277 -26.53 -6.62 10.65
CA ASP B 277 -26.90 -7.95 10.14
C ASP B 277 -25.87 -8.69 9.30
N TRP B 278 -24.73 -8.05 9.06
CA TRP B 278 -23.75 -8.63 8.15
C TRP B 278 -23.05 -9.73 8.85
N THR B 279 -23.06 -10.94 8.30
CA THR B 279 -22.40 -12.11 8.80
C THR B 279 -21.98 -12.99 7.63
N MET B 280 -21.35 -14.13 7.91
CA MET B 280 -21.09 -15.12 6.93
C MET B 280 -22.22 -16.19 6.88
N THR B 281 -23.39 -15.92 7.46
CA THR B 281 -24.41 -16.91 7.46
C THR B 281 -25.80 -16.46 7.10
N LEU B 282 -25.94 -15.18 6.75
CA LEU B 282 -27.23 -14.55 6.51
C LEU B 282 -27.99 -15.19 5.35
N ILE B 283 -27.25 -15.73 4.40
CA ILE B 283 -27.86 -16.38 3.30
C ILE B 283 -28.67 -17.65 3.78
N PHE B 284 -28.10 -18.37 4.73
CA PHE B 284 -28.71 -19.61 5.26
C PHE B 284 -29.80 -19.28 6.23
N GLU B 285 -29.61 -18.22 6.99
CA GLU B 285 -30.64 -17.86 8.01
C GLU B 285 -31.83 -17.19 7.48
N LYS B 286 -31.69 -16.33 6.48
CA LYS B 286 -32.79 -15.49 6.03
C LYS B 286 -33.05 -15.59 4.55
N VAL B 287 -32.00 -15.63 3.72
CA VAL B 287 -32.23 -15.56 2.27
C VAL B 287 -32.93 -16.85 1.74
N ILE B 288 -32.34 -18.00 2.00
CA ILE B 288 -32.85 -19.25 1.47
C ILE B 288 -34.30 -19.54 2.01
N PRO B 289 -34.58 -19.39 3.29
CA PRO B 289 -35.97 -19.53 3.77
C PRO B 289 -36.96 -18.70 3.06
N ARG B 290 -36.58 -17.45 2.73
CA ARG B 290 -37.49 -16.56 2.05
C ARG B 290 -37.65 -16.99 0.58
N MET B 291 -36.56 -17.40 -0.06
CA MET B 291 -36.65 -17.86 -1.44
C MET B 291 -37.56 -19.14 -1.53
N ARG B 292 -37.36 -20.07 -0.61
CA ARG B 292 -38.17 -21.27 -0.50
C ARG B 292 -39.67 -20.97 -0.33
N SER B 293 -39.97 -19.96 0.48
CA SER B 293 -41.37 -19.59 0.73
C SER B 293 -41.96 -18.94 -0.50
N GLU B 294 -41.15 -18.46 -1.45
CA GLU B 294 -41.68 -17.93 -2.68
C GLU B 294 -41.61 -18.89 -3.82
N GLY B 295 -41.35 -20.16 -3.58
CA GLY B 295 -41.47 -21.14 -4.64
C GLY B 295 -40.15 -21.55 -5.25
N ILE B 296 -39.01 -20.96 -4.81
CA ILE B 296 -37.74 -21.41 -5.31
C ILE B 296 -37.50 -22.82 -4.71
N THR B 297 -37.06 -23.77 -5.53
CA THR B 297 -36.86 -25.15 -5.05
C THR B 297 -35.49 -25.43 -4.44
N GLU B 298 -35.45 -26.49 -3.65
CA GLU B 298 -34.25 -27.00 -3.09
C GLU B 298 -33.20 -27.26 -4.17
N GLU B 299 -33.59 -27.84 -5.28
CA GLU B 299 -32.65 -28.10 -6.32
C GLU B 299 -32.13 -26.79 -6.98
N GLN B 300 -33.00 -25.82 -7.13
CA GLN B 300 -32.55 -24.50 -7.64
C GLN B 300 -31.51 -23.88 -6.69
N ILE B 301 -31.74 -23.99 -5.39
CA ILE B 301 -30.76 -23.49 -4.42
C ILE B 301 -29.43 -24.22 -4.62
N ASN B 302 -29.45 -25.55 -4.82
CA ASN B 302 -28.22 -26.30 -5.02
C ASN B 302 -27.55 -25.98 -6.32
N ARG B 303 -28.33 -25.67 -7.33
CA ARG B 303 -27.70 -25.29 -8.57
C ARG B 303 -26.85 -24.01 -8.39
N VAL B 304 -27.40 -23.09 -7.61
CA VAL B 304 -26.77 -21.82 -7.37
C VAL B 304 -25.52 -21.93 -6.51
N LEU B 305 -25.64 -22.62 -5.34
CA LEU B 305 -24.61 -22.71 -4.35
C LEU B 305 -23.61 -23.84 -4.53
N ILE B 306 -23.92 -24.82 -5.41
CA ILE B 306 -22.99 -25.93 -5.68
C ILE B 306 -22.57 -25.94 -7.10
N ASP B 307 -23.50 -26.05 -8.04
CA ASP B 307 -23.12 -26.20 -9.40
C ASP B 307 -22.50 -24.93 -10.01
N ASN B 308 -23.02 -23.73 -9.71
CA ASN B 308 -22.46 -22.56 -10.39
C ASN B 308 -20.98 -22.31 -9.99
N PRO B 309 -20.66 -22.39 -8.68
CA PRO B 309 -19.24 -22.17 -8.28
C PRO B 309 -18.30 -23.21 -8.93
N ARG B 310 -18.83 -24.44 -9.06
CA ARG B 310 -18.08 -25.53 -9.66
C ARG B 310 -17.82 -25.28 -11.13
N ARG B 311 -18.83 -24.83 -11.86
CA ARG B 311 -18.71 -24.57 -13.25
CA ARG B 311 -18.70 -24.60 -13.26
C ARG B 311 -17.79 -23.36 -13.56
N LEU B 312 -17.70 -22.41 -12.60
CA LEU B 312 -16.78 -21.25 -12.77
C LEU B 312 -15.36 -21.80 -12.86
N PHE B 313 -15.09 -22.88 -12.15
CA PHE B 313 -13.79 -23.48 -12.13
C PHE B 313 -13.52 -24.59 -13.12
N THR B 314 -14.54 -25.21 -13.67
CA THR B 314 -14.38 -26.23 -14.72
C THR B 314 -14.85 -25.72 -16.14
N GLY B 315 -15.69 -24.70 -16.20
CA GLY B 315 -16.23 -24.30 -17.50
C GLY B 315 -17.33 -25.24 -17.98
CO CO C . 14.37 10.41 0.08
CO CO D . 11.92 12.58 -1.21
CA 3M5 E . 12.14 9.12 -3.76
CB 3M5 E . 12.82 8.01 -3.03
C 3M5 E . 12.01 9.87 -2.59
O 3M5 E . 11.15 10.68 -2.49
OAC 3M5 E . 12.84 9.55 -1.56
CAB 3M5 E . 13.84 8.71 -2.07
N 3M5 E . 12.96 9.61 -4.93
CAG 3M5 E . 14.16 9.17 -5.16
OAL 3M5 E . 14.67 8.37 -4.44
CAH 3M5 E . 14.93 9.55 -6.36
CAI 3M5 E . 14.71 8.37 -7.34
OAM 3M5 E . 13.66 7.73 -7.28
CAJ 3M5 E . 15.85 7.98 -8.26
CAN 3M5 E . 15.39 7.27 -9.49
CAO 3M5 E . 16.65 7.22 -10.30
CAP 3M5 E . 16.50 6.53 -11.65
CAQ 3M5 E . 15.32 7.01 -12.38
CAR 3M5 E . 15.37 6.13 -13.54
CAS 3M5 E . 14.42 6.67 -14.57
C1 GOL F . 26.69 2.48 -3.82
O1 GOL F . 27.55 2.98 -4.83
C2 GOL F . 27.20 2.86 -2.47
O2 GOL F . 28.35 2.01 -2.30
C3 GOL F . 27.47 4.25 -2.66
O3 GOL F . 27.97 4.87 -1.52
C1 GOL G . -3.51 25.50 2.01
O1 GOL G . -4.13 26.05 3.19
C2 GOL G . -2.86 26.64 1.26
O2 GOL G . -1.66 26.27 0.55
C3 GOL G . -2.55 27.67 2.33
O3 GOL G . -1.91 28.82 1.79
C1 GOL H . 5.05 6.17 -3.91
O1 GOL H . 5.27 4.72 -3.87
C2 GOL H . 3.78 6.78 -3.27
O2 GOL H . 2.79 5.80 -3.47
C3 GOL H . 3.30 8.08 -3.94
O3 GOL H . 1.85 8.38 -4.07
C1 GOL I . 5.15 31.50 1.04
O1 GOL I . 4.35 30.33 0.92
C2 GOL I . 4.21 32.59 1.54
O2 GOL I . 2.88 32.24 1.22
C3 GOL I . 4.24 32.72 3.05
O3 GOL I . 3.33 31.79 3.66
C1 GOL J . -10.68 1.39 15.22
O1 GOL J . -9.78 0.28 15.31
C2 GOL J . -10.32 2.38 16.23
O2 GOL J . -9.20 1.60 16.62
C3 GOL J . -10.00 3.81 15.78
O3 GOL J . -8.66 4.26 16.12
C1 GOL K . 16.62 27.47 11.09
O1 GOL K . 16.94 26.98 9.79
C2 GOL K . 17.78 28.03 11.78
O2 GOL K . 18.61 26.98 12.19
C3 GOL K . 18.53 28.91 10.87
O3 GOL K . 17.57 29.88 10.53
C1 GOL L . 14.98 -3.09 -7.16
O1 GOL L . 14.16 -2.62 -8.27
C2 GOL L . 14.12 -4.04 -6.32
O2 GOL L . 13.33 -4.85 -7.24
C3 GOL L . 14.90 -4.95 -5.46
O3 GOL L . 14.08 -6.14 -5.47
C1 GOL M . 10.86 -11.47 1.57
O1 GOL M . 12.20 -11.52 2.14
C2 GOL M . 9.90 -10.78 2.51
O2 GOL M . 9.72 -11.77 3.51
C3 GOL M . 8.59 -10.23 1.86
O3 GOL M . 7.22 -10.71 2.09
S SO4 N . 13.78 -6.22 -11.62
O1 SO4 N . 13.87 -5.34 -10.40
O2 SO4 N . 13.31 -7.50 -11.05
O3 SO4 N . 12.83 -5.78 -12.68
O4 SO4 N . 15.14 -6.37 -12.30
CO CO O . -14.92 -8.65 -1.30
CO CO P . -15.33 -6.18 -3.76
CA 3M5 Q . -14.39 -4.15 -0.01
CB 3M5 Q . -14.02 -5.15 1.08
C 3M5 Q . -14.30 -5.06 -1.04
O 3M5 Q . -14.55 -4.74 -2.15
OAC 3M5 Q . -13.97 -6.32 -0.66
CAB 3M5 Q . -14.50 -6.53 0.59
N 3M5 Q . -15.69 -3.50 0.36
CAG 3M5 Q . -16.49 -4.04 1.28
OAL 3M5 Q . -16.35 -5.12 1.71
CAH 3M5 Q . -17.66 -3.24 1.77
CAI 3M5 Q . -17.48 -3.06 3.29
OAM 3M5 Q . -16.73 -3.80 3.89
CAJ 3M5 Q . -18.19 -1.90 4.01
CAN 3M5 Q . -18.57 -2.31 5.42
CAO 3M5 Q . -19.57 -1.32 5.88
CAP 3M5 Q . -19.06 -0.66 7.06
CAQ 3M5 Q . -19.87 0.54 7.27
CAR 3M5 Q . -19.28 1.77 6.73
CAS 3M5 Q . -19.73 2.90 7.59
C1 GOL R . -24.10 -19.97 -18.17
O1 GOL R . -24.04 -19.11 -19.30
C2 GOL R . -22.83 -19.69 -17.44
O2 GOL R . -21.81 -20.65 -17.53
C3 GOL R . -22.13 -18.53 -18.02
O3 GOL R . -21.62 -17.76 -16.96
C1 GOL S . -19.81 -14.88 11.12
O1 GOL S . -21.10 -14.87 10.72
C2 GOL S . -19.52 -13.91 12.11
O2 GOL S . -20.64 -13.10 12.44
C3 GOL S . -19.01 -14.63 13.35
O3 GOL S . -19.91 -15.61 13.82
C1 GOL T . -7.73 -3.03 13.36
O1 GOL T . -7.34 -4.08 14.21
C2 GOL T . -9.16 -3.35 13.08
O2 GOL T . -8.96 -4.40 12.17
C3 GOL T . -9.68 -2.05 12.49
O3 GOL T . -11.00 -2.05 11.95
C1 GOL U . -15.96 -6.69 10.83
O1 GOL U . -17.26 -7.15 10.43
C2 GOL U . -16.04 -5.79 12.00
O2 GOL U . -14.93 -4.94 11.90
C3 GOL U . -15.90 -6.59 13.27
O3 GOL U . -14.52 -6.99 13.38
C1 GOL V . -33.52 -25.50 -16.65
O1 GOL V . -32.56 -26.55 -16.67
C2 GOL V . -32.70 -24.26 -16.44
O2 GOL V . -33.50 -23.07 -16.24
C3 GOL V . -31.74 -24.10 -17.62
O3 GOL V . -31.17 -22.77 -17.65
S SO4 W . -27.71 1.05 -11.82
O1 SO4 W . -27.43 1.50 -10.42
O2 SO4 W . -29.14 1.35 -12.19
O3 SO4 W . -26.80 1.67 -12.85
O4 SO4 W . -27.51 -0.40 -11.84
#